data_1CS9
# 
_entry.id   1CS9 
# 
_audit_conform.dict_name       mmcif_pdbx.dic 
_audit_conform.dict_version    5.392 
_audit_conform.dict_location   http://mmcif.pdb.org/dictionaries/ascii/mmcif_pdbx.dic 
# 
loop_
_database_2.database_id 
_database_2.database_code 
_database_2.pdbx_database_accession 
_database_2.pdbx_DOI 
PDB   1CS9         pdb_00001cs9 10.2210/pdb1cs9/pdb 
RCSB  RCSB009525   ?            ?                   
WWPDB D_1000009525 ?            ?                   
# 
loop_
_pdbx_audit_revision_history.ordinal 
_pdbx_audit_revision_history.data_content_type 
_pdbx_audit_revision_history.major_revision 
_pdbx_audit_revision_history.minor_revision 
_pdbx_audit_revision_history.revision_date 
1 'Structure model' 1 0 1999-09-02 
2 'Structure model' 1 1 2008-04-27 
3 'Structure model' 1 2 2011-07-13 
4 'Structure model' 1 3 2022-02-16 
5 'Structure model' 1 4 2024-05-22 
# 
_pdbx_audit_revision_details.ordinal             1 
_pdbx_audit_revision_details.revision_ordinal    1 
_pdbx_audit_revision_details.data_content_type   'Structure model' 
_pdbx_audit_revision_details.provider            repository 
_pdbx_audit_revision_details.type                'Initial release' 
_pdbx_audit_revision_details.description         ? 
_pdbx_audit_revision_details.details             ? 
# 
loop_
_pdbx_audit_revision_group.ordinal 
_pdbx_audit_revision_group.revision_ordinal 
_pdbx_audit_revision_group.data_content_type 
_pdbx_audit_revision_group.group 
1 2 'Structure model' 'Version format compliance' 
2 3 'Structure model' 'Version format compliance' 
3 4 'Structure model' 'Data collection'           
4 4 'Structure model' 'Database references'       
5 4 'Structure model' 'Derived calculations'      
6 5 'Structure model' 'Data collection'           
# 
loop_
_pdbx_audit_revision_category.ordinal 
_pdbx_audit_revision_category.revision_ordinal 
_pdbx_audit_revision_category.data_content_type 
_pdbx_audit_revision_category.category 
1 4 'Structure model' database_2            
2 4 'Structure model' pdbx_nmr_software     
3 4 'Structure model' pdbx_struct_assembly  
4 4 'Structure model' pdbx_struct_oper_list 
5 5 'Structure model' chem_comp_atom        
6 5 'Structure model' chem_comp_bond        
# 
loop_
_pdbx_audit_revision_item.ordinal 
_pdbx_audit_revision_item.revision_ordinal 
_pdbx_audit_revision_item.data_content_type 
_pdbx_audit_revision_item.item 
1 4 'Structure model' '_database_2.pdbx_DOI'                
2 4 'Structure model' '_database_2.pdbx_database_accession' 
3 4 'Structure model' '_pdbx_nmr_software.name'             
# 
_pdbx_database_status.status_code                     REL 
_pdbx_database_status.entry_id                        1CS9 
_pdbx_database_status.recvd_initial_deposition_date   1999-08-18 
_pdbx_database_status.deposit_site                    RCSB 
_pdbx_database_status.process_site                    RCSB 
_pdbx_database_status.SG_entry                        . 
_pdbx_database_status.pdb_format_compatible           Y 
_pdbx_database_status.status_code_mr                  ? 
_pdbx_database_status.status_code_sf                  ? 
_pdbx_database_status.status_code_cs                  ? 
_pdbx_database_status.status_code_nmr_data            ? 
_pdbx_database_status.methods_development_category    ? 
# 
_pdbx_database_related.db_name        PDB 
_pdbx_database_related.db_id          1CT6 
_pdbx_database_related.details        . 
_pdbx_database_related.content_type   unspecified 
# 
loop_
_audit_author.name 
_audit_author.pdbx_ordinal 
'Phan Chan Du, A.' 1 
'Petit, M.C.'      2 
'Guichard, G.'     3 
'Briand, J.P.'     4 
'Muller, S.'       5 
'Cung, M.T.'       6 
# 
_citation.id                        primary 
_citation.title                     
;Structure of antibody-bound peptides and retro-inverso analogues. A transferred nuclear Overhauser effect spectroscopy and molecular dynamics approach.
;
_citation.journal_abbrev            Biochemistry 
_citation.journal_volume            40 
_citation.page_first                5720 
_citation.page_last                 5727 
_citation.year                      2001 
_citation.journal_id_ASTM           BICHAW 
_citation.country                   US 
_citation.journal_id_ISSN           0006-2960 
_citation.journal_id_CSD            0033 
_citation.book_publisher            ? 
_citation.pdbx_database_id_PubMed   11341837 
_citation.pdbx_database_id_DOI      10.1021/bi001151h 
# 
loop_
_citation_author.citation_id 
_citation_author.name 
_citation_author.ordinal 
_citation_author.identifier_ORCID 
primary 'Phan-Chan-Du, A.' 1 ? 
primary 'Petit, M.C.'      2 ? 
primary 'Guichard, G.'     3 ? 
primary 'Briand, J.P.'     4 ? 
primary 'Muller, S.'       5 ? 
primary 'Cung, M.T.'       6 ? 
# 
_entity.id                         1 
_entity.type                       polymer 
_entity.src_method                 syn 
_entity.pdbx_description           'HISTONE H3 PEPTIDE' 
_entity.formula_weight             920.050 
_entity.pdbx_number_of_molecules   1 
_entity.pdbx_ec                    ? 
_entity.pdbx_mutation              ? 
_entity.pdbx_fragment              'C-TERMINAL REGION 130-135' 
_entity.details                    ? 
# 
_entity_poly.entity_id                      1 
_entity_poly.type                           'polypeptide(L)' 
_entity_poly.nstd_linkage                   no 
_entity_poly.nstd_monomer                   no 
_entity_poly.pdbx_seq_one_letter_code       CGGIRGERA 
_entity_poly.pdbx_seq_one_letter_code_can   CGGIRGERA 
_entity_poly.pdbx_strand_id                 A 
_entity_poly.pdbx_target_identifier         ? 
# 
loop_
_entity_poly_seq.entity_id 
_entity_poly_seq.num 
_entity_poly_seq.mon_id 
_entity_poly_seq.hetero 
1 1 CYS n 
1 2 GLY n 
1 3 GLY n 
1 4 ILE n 
1 5 ARG n 
1 6 GLY n 
1 7 GLU n 
1 8 ARG n 
1 9 ALA n 
# 
_pdbx_entity_src_syn.entity_id              1 
_pdbx_entity_src_syn.pdbx_src_id            1 
_pdbx_entity_src_syn.pdbx_alt_source_flag   sample 
_pdbx_entity_src_syn.pdbx_beg_seq_num       ? 
_pdbx_entity_src_syn.pdbx_end_seq_num       ? 
_pdbx_entity_src_syn.organism_scientific    ? 
_pdbx_entity_src_syn.organism_common_name   ? 
_pdbx_entity_src_syn.ncbi_taxonomy_id       ? 
_pdbx_entity_src_syn.details                
;THE PEPTIDE WAS CHEMICALLY SYNTHESIZED. THE PEPTIDE CORRESPONDS TO THE IRGERA SEQUENCE PRESENT IN THE C-TERMINAL REGION 130-135 OF HISTONE H3 BOUND TO THE MAB 4X11 MONOCLONAL ANTIBODY (IGG1). THE SEQUENCE CGG WAS ADDED TO THE N- TERMINUS OF THE IRGERA SEQUENCE AS A LINKER TO THE DEXTRAN MATRIX IN BIACORE EXPERIMENTS VIA THE CYS THIOL GROUP.
;
# 
loop_
_chem_comp.id 
_chem_comp.type 
_chem_comp.mon_nstd_flag 
_chem_comp.name 
_chem_comp.pdbx_synonyms 
_chem_comp.formula 
_chem_comp.formula_weight 
ALA 'L-peptide linking' y ALANINE         ? 'C3 H7 N O2'     89.093  
ARG 'L-peptide linking' y ARGININE        ? 'C6 H15 N4 O2 1' 175.209 
CYS 'L-peptide linking' y CYSTEINE        ? 'C3 H7 N O2 S'   121.158 
GLU 'L-peptide linking' y 'GLUTAMIC ACID' ? 'C5 H9 N O4'     147.129 
GLY 'peptide linking'   y GLYCINE         ? 'C2 H5 N O2'     75.067  
ILE 'L-peptide linking' y ISOLEUCINE      ? 'C6 H13 N O2'    131.173 
# 
loop_
_pdbx_poly_seq_scheme.asym_id 
_pdbx_poly_seq_scheme.entity_id 
_pdbx_poly_seq_scheme.seq_id 
_pdbx_poly_seq_scheme.mon_id 
_pdbx_poly_seq_scheme.ndb_seq_num 
_pdbx_poly_seq_scheme.pdb_seq_num 
_pdbx_poly_seq_scheme.auth_seq_num 
_pdbx_poly_seq_scheme.pdb_mon_id 
_pdbx_poly_seq_scheme.auth_mon_id 
_pdbx_poly_seq_scheme.pdb_strand_id 
_pdbx_poly_seq_scheme.pdb_ins_code 
_pdbx_poly_seq_scheme.hetero 
A 1 1 CYS 1 1 1 CYS CYS A . n 
A 1 2 GLY 2 2 2 GLY GLY A . n 
A 1 3 GLY 3 3 3 GLY GLY A . n 
A 1 4 ILE 4 4 4 ILE ILE A . n 
A 1 5 ARG 5 5 5 ARG ARG A . n 
A 1 6 GLY 6 6 6 GLY GLY A . n 
A 1 7 GLU 7 7 7 GLU GLU A . n 
A 1 8 ARG 8 8 8 ARG ARG A . n 
A 1 9 ALA 9 9 9 ALA ALA A . n 
# 
_cell.entry_id           1CS9 
_cell.length_a           1.000 
_cell.length_b           1.000 
_cell.length_c           1.000 
_cell.angle_alpha        90.00 
_cell.angle_beta         90.00 
_cell.angle_gamma        90.00 
_cell.Z_PDB              1 
_cell.pdbx_unique_axis   ? 
# 
_symmetry.entry_id                         1CS9 
_symmetry.space_group_name_H-M             'P 1' 
_symmetry.pdbx_full_space_group_name_H-M   ? 
_symmetry.cell_setting                     ? 
_symmetry.Int_Tables_number                1 
# 
_exptl.entry_id          1CS9 
_exptl.method            'SOLUTION NMR' 
_exptl.crystals_number   ? 
# 
_struct.entry_id                  1CS9 
_struct.title                     
'SOLUTION STRUCTURE OF CGGIRGERA IN CONTACT WITH THE MONOCLONAL ANTIBODY MAB 4X11, NMR, 7 STRUCTURES' 
_struct.pdbx_model_details        ? 
_struct.pdbx_CASP_flag            ? 
_struct.pdbx_model_type_details   ? 
# 
_struct_keywords.entry_id        1CS9 
_struct_keywords.pdbx_keywords   'DNA BINDING PROTEIN' 
_struct_keywords.text            'SYNTHETIC PEPTIDE, TR-NOE, ANTIGEN-ANTIBODY COMPLEX, DNA BINDING PROTEIN' 
# 
_struct_asym.id                            A 
_struct_asym.pdbx_blank_PDB_chainid_flag   N 
_struct_asym.pdbx_modified                 N 
_struct_asym.entity_id                     1 
_struct_asym.details                       ? 
# 
_struct_ref.id                         1 
_struct_ref.db_name                    UNP 
_struct_ref.db_code                    H31_HUMAN 
_struct_ref.entity_id                  1 
_struct_ref.pdbx_db_accession          P16106 
_struct_ref.pdbx_align_begin           ? 
_struct_ref.pdbx_seq_one_letter_code   ? 
_struct_ref.pdbx_db_isoform            ? 
# 
_struct_ref_seq.align_id                      1 
_struct_ref_seq.ref_id                        1 
_struct_ref_seq.pdbx_PDB_id_code              1CS9 
_struct_ref_seq.pdbx_strand_id                A 
_struct_ref_seq.seq_align_beg                 4 
_struct_ref_seq.pdbx_seq_align_beg_ins_code   ? 
_struct_ref_seq.seq_align_end                 9 
_struct_ref_seq.pdbx_seq_align_end_ins_code   ? 
_struct_ref_seq.pdbx_db_accession             P16106 
_struct_ref_seq.db_align_beg                  130 
_struct_ref_seq.pdbx_db_align_beg_ins_code    ? 
_struct_ref_seq.db_align_end                  135 
_struct_ref_seq.pdbx_db_align_end_ins_code    ? 
_struct_ref_seq.pdbx_auth_seq_align_beg       4 
_struct_ref_seq.pdbx_auth_seq_align_end       9 
# 
_pdbx_struct_assembly.id                   1 
_pdbx_struct_assembly.details              author_defined_assembly 
_pdbx_struct_assembly.method_details       ? 
_pdbx_struct_assembly.oligomeric_details   monomeric 
_pdbx_struct_assembly.oligomeric_count     1 
# 
_pdbx_struct_assembly_gen.assembly_id       1 
_pdbx_struct_assembly_gen.oper_expression   1 
_pdbx_struct_assembly_gen.asym_id_list      A 
# 
_pdbx_struct_oper_list.id                   1 
_pdbx_struct_oper_list.type                 'identity operation' 
_pdbx_struct_oper_list.name                 1_555 
_pdbx_struct_oper_list.symmetry_operation   x,y,z 
_pdbx_struct_oper_list.matrix[1][1]         1.0000000000 
_pdbx_struct_oper_list.matrix[1][2]         0.0000000000 
_pdbx_struct_oper_list.matrix[1][3]         0.0000000000 
_pdbx_struct_oper_list.vector[1]            0.0000000000 
_pdbx_struct_oper_list.matrix[2][1]         0.0000000000 
_pdbx_struct_oper_list.matrix[2][2]         1.0000000000 
_pdbx_struct_oper_list.matrix[2][3]         0.0000000000 
_pdbx_struct_oper_list.vector[2]            0.0000000000 
_pdbx_struct_oper_list.matrix[3][1]         0.0000000000 
_pdbx_struct_oper_list.matrix[3][2]         0.0000000000 
_pdbx_struct_oper_list.matrix[3][3]         1.0000000000 
_pdbx_struct_oper_list.vector[3]            0.0000000000 
# 
_struct_biol.id   1 
# 
loop_
_pdbx_validate_rmsd_angle.id 
_pdbx_validate_rmsd_angle.PDB_model_num 
_pdbx_validate_rmsd_angle.auth_atom_id_1 
_pdbx_validate_rmsd_angle.auth_asym_id_1 
_pdbx_validate_rmsd_angle.auth_comp_id_1 
_pdbx_validate_rmsd_angle.auth_seq_id_1 
_pdbx_validate_rmsd_angle.PDB_ins_code_1 
_pdbx_validate_rmsd_angle.label_alt_id_1 
_pdbx_validate_rmsd_angle.auth_atom_id_2 
_pdbx_validate_rmsd_angle.auth_asym_id_2 
_pdbx_validate_rmsd_angle.auth_comp_id_2 
_pdbx_validate_rmsd_angle.auth_seq_id_2 
_pdbx_validate_rmsd_angle.PDB_ins_code_2 
_pdbx_validate_rmsd_angle.label_alt_id_2 
_pdbx_validate_rmsd_angle.auth_atom_id_3 
_pdbx_validate_rmsd_angle.auth_asym_id_3 
_pdbx_validate_rmsd_angle.auth_comp_id_3 
_pdbx_validate_rmsd_angle.auth_seq_id_3 
_pdbx_validate_rmsd_angle.PDB_ins_code_3 
_pdbx_validate_rmsd_angle.label_alt_id_3 
_pdbx_validate_rmsd_angle.angle_value 
_pdbx_validate_rmsd_angle.angle_target_value 
_pdbx_validate_rmsd_angle.angle_deviation 
_pdbx_validate_rmsd_angle.angle_standard_deviation 
_pdbx_validate_rmsd_angle.linker_flag 
1  1 NE A ARG 5 ? ? CZ A ARG 5 ? ? NH1 A ARG 5 ? ? 124.02 120.30 3.72 0.50 N 
2  1 NE A ARG 8 ? ? CZ A ARG 8 ? ? NH1 A ARG 8 ? ? 123.99 120.30 3.69 0.50 N 
3  2 NE A ARG 5 ? ? CZ A ARG 5 ? ? NH1 A ARG 5 ? ? 124.13 120.30 3.83 0.50 N 
4  2 NE A ARG 8 ? ? CZ A ARG 8 ? ? NH1 A ARG 8 ? ? 124.08 120.30 3.78 0.50 N 
5  3 NE A ARG 5 ? ? CZ A ARG 5 ? ? NH1 A ARG 5 ? ? 124.06 120.30 3.76 0.50 N 
6  3 NE A ARG 8 ? ? CZ A ARG 8 ? ? NH1 A ARG 8 ? ? 124.02 120.30 3.72 0.50 N 
7  4 NE A ARG 5 ? ? CZ A ARG 5 ? ? NH1 A ARG 5 ? ? 124.18 120.30 3.88 0.50 N 
8  4 NE A ARG 8 ? ? CZ A ARG 8 ? ? NH1 A ARG 8 ? ? 124.07 120.30 3.77 0.50 N 
9  5 NE A ARG 5 ? ? CZ A ARG 5 ? ? NH1 A ARG 5 ? ? 124.10 120.30 3.80 0.50 N 
10 5 NE A ARG 8 ? ? CZ A ARG 8 ? ? NH1 A ARG 8 ? ? 124.13 120.30 3.83 0.50 N 
11 6 NE A ARG 5 ? ? CZ A ARG 5 ? ? NH1 A ARG 5 ? ? 124.04 120.30 3.74 0.50 N 
12 6 NE A ARG 8 ? ? CZ A ARG 8 ? ? NH1 A ARG 8 ? ? 123.99 120.30 3.69 0.50 N 
13 7 NE A ARG 5 ? ? CZ A ARG 5 ? ? NH1 A ARG 5 ? ? 124.04 120.30 3.74 0.50 N 
14 7 NE A ARG 8 ? ? CZ A ARG 8 ? ? NH1 A ARG 8 ? ? 123.83 120.30 3.53 0.50 N 
# 
loop_
_pdbx_validate_torsion.id 
_pdbx_validate_torsion.PDB_model_num 
_pdbx_validate_torsion.auth_comp_id 
_pdbx_validate_torsion.auth_asym_id 
_pdbx_validate_torsion.auth_seq_id 
_pdbx_validate_torsion.PDB_ins_code 
_pdbx_validate_torsion.label_alt_id 
_pdbx_validate_torsion.phi 
_pdbx_validate_torsion.psi 
1  2 ARG A 5 ? ? -154.01 -97.81 
2  3 GLU A 7 ? ? -158.65 -96.90 
3  3 ARG A 8 ? ? -160.87 65.11  
4  4 ARG A 5 ? ? -158.30 85.41  
5  4 GLU A 7 ? ? -163.13 119.21 
6  4 ARG A 8 ? ? -156.61 89.73  
7  5 ARG A 5 ? ? -157.65 -81.59 
8  5 GLU A 7 ? ? -157.47 -84.79 
9  5 ARG A 8 ? ? -157.62 -66.04 
10 6 GLU A 7 ? ? -155.53 83.01  
11 7 GLU A 7 ? ? -160.49 111.28 
12 7 ARG A 8 ? ? -151.36 85.82  
# 
_pdbx_nmr_ensemble.entry_id                                      1CS9 
_pdbx_nmr_ensemble.conformers_calculated_total_number            50 
_pdbx_nmr_ensemble.conformers_submitted_total_number             7 
_pdbx_nmr_ensemble.conformer_selection_criteria                  'structures with the lowest energy' 
_pdbx_nmr_ensemble.average_constraints_per_residue               ? 
_pdbx_nmr_ensemble.average_constraint_violations_per_residue     ? 
_pdbx_nmr_ensemble.maximum_distance_constraint_violation         ? 
_pdbx_nmr_ensemble.average_distance_constraint_violation         ? 
_pdbx_nmr_ensemble.maximum_upper_distance_constraint_violation   ? 
_pdbx_nmr_ensemble.maximum_lower_distance_constraint_violation   ? 
_pdbx_nmr_ensemble.distance_constraint_violation_method          ? 
_pdbx_nmr_ensemble.maximum_torsion_angle_constraint_violation    ? 
_pdbx_nmr_ensemble.average_torsion_angle_constraint_violation    ? 
_pdbx_nmr_ensemble.torsion_angle_constraint_violation_method     ? 
# 
_pdbx_nmr_representative.entry_id             1CS9 
_pdbx_nmr_representative.conformer_id         7 
_pdbx_nmr_representative.selection_criteria   'lowest energy' 
# 
_pdbx_nmr_sample_details.solution_id      1 
_pdbx_nmr_sample_details.contents         '5 MM PEPTIDE, 0.1MM MAB; 100 MM PHOSPHATE BUFFER CONTAINING 0.02% SODIUM AZIDE' 
_pdbx_nmr_sample_details.solvent_system   ? 
# 
_pdbx_nmr_exptl_sample_conditions.conditions_id       1 
_pdbx_nmr_exptl_sample_conditions.temperature         277 
_pdbx_nmr_exptl_sample_conditions.pressure            1 
_pdbx_nmr_exptl_sample_conditions.pH                  7 
_pdbx_nmr_exptl_sample_conditions.ionic_strength      '0.1M PHOSPHATE' 
_pdbx_nmr_exptl_sample_conditions.pressure_units      atm 
_pdbx_nmr_exptl_sample_conditions.temperature_units   K 
# 
_pdbx_nmr_exptl.experiment_id   1 
_pdbx_nmr_exptl.conditions_id   1 
_pdbx_nmr_exptl.type            'TOCSY, NOESY, COSY' 
_pdbx_nmr_exptl.solution_id     1 
# 
_pdbx_nmr_details.entry_id   1CS9 
_pdbx_nmr_details.text       
;THE PEPTIDE/MAB MOLAR RATIO WAS ADJUSTED TO 50/1 (I.E. 5MM OF PEPTIDE AND 
0.1MM OF MAB)
;
# 
_pdbx_nmr_refine.entry_id           1CS9 
_pdbx_nmr_refine.method             'ENERGY MINIMIZATION MOLECULAR DYNAMICS' 
_pdbx_nmr_refine.details            
;ENERGY MINIMISATION.  A DISTANT DEPENDENT DIELECTRIC CONSTANT EQUAL TO 4R WAS APPLIED. THE NET 
ELECTRIC CHARGES WERE DECREASED, WHILE THOSE OF THE N AND C TERMINAL CHARGED 
GROUPS WERE NEGLECTED. IN THE PDB, NH3+ IS INCLUDED IN THE RESIDUE CYS, AND 
COO- IS INCLUDED IN THE RESIDUE ALA.  THE RESIDUE GLU HAS MISSING ATOMS HE2 IN ALL STRUCTURES
BECAUSE IN DISCOVER, THIS RESIDUE IS MODELLED AS A CHARGED GROUP(WE HAVE COO- AND NOT COOH).
;
_pdbx_nmr_refine.software_ordinal   1 
# 
loop_
_pdbx_nmr_software.classification 
_pdbx_nmr_software.name 
_pdbx_nmr_software.version 
_pdbx_nmr_software.authors 
_pdbx_nmr_software.ordinal 
'structure solution' DYANA    1.4 'GUNTERT, WUTHRICH'                         1 
'structure solution' Discover 3   'MOLECULAR SIMULATIONS INC., SAN DIEGO, CA' 2 
refinement           Discover 3   'MOLECULAR SIMULATIONS INC.'                3 
# 
loop_
_chem_comp_atom.comp_id 
_chem_comp_atom.atom_id 
_chem_comp_atom.type_symbol 
_chem_comp_atom.pdbx_aromatic_flag 
_chem_comp_atom.pdbx_stereo_config 
_chem_comp_atom.pdbx_ordinal 
ALA N    N N N 1   
ALA CA   C N S 2   
ALA C    C N N 3   
ALA O    O N N 4   
ALA CB   C N N 5   
ALA OXT  O N N 6   
ALA H    H N N 7   
ALA H2   H N N 8   
ALA HA   H N N 9   
ALA HB1  H N N 10  
ALA HB2  H N N 11  
ALA HB3  H N N 12  
ALA HXT  H N N 13  
ARG N    N N N 14  
ARG CA   C N S 15  
ARG C    C N N 16  
ARG O    O N N 17  
ARG CB   C N N 18  
ARG CG   C N N 19  
ARG CD   C N N 20  
ARG NE   N N N 21  
ARG CZ   C N N 22  
ARG NH1  N N N 23  
ARG NH2  N N N 24  
ARG OXT  O N N 25  
ARG H    H N N 26  
ARG H2   H N N 27  
ARG HA   H N N 28  
ARG HB2  H N N 29  
ARG HB3  H N N 30  
ARG HG2  H N N 31  
ARG HG3  H N N 32  
ARG HD2  H N N 33  
ARG HD3  H N N 34  
ARG HE   H N N 35  
ARG HH11 H N N 36  
ARG HH12 H N N 37  
ARG HH21 H N N 38  
ARG HH22 H N N 39  
ARG HXT  H N N 40  
CYS N    N N N 41  
CYS CA   C N R 42  
CYS C    C N N 43  
CYS O    O N N 44  
CYS CB   C N N 45  
CYS SG   S N N 46  
CYS OXT  O N N 47  
CYS H    H N N 48  
CYS H2   H N N 49  
CYS HA   H N N 50  
CYS HB2  H N N 51  
CYS HB3  H N N 52  
CYS HG   H N N 53  
CYS HXT  H N N 54  
GLU N    N N N 55  
GLU CA   C N S 56  
GLU C    C N N 57  
GLU O    O N N 58  
GLU CB   C N N 59  
GLU CG   C N N 60  
GLU CD   C N N 61  
GLU OE1  O N N 62  
GLU OE2  O N N 63  
GLU OXT  O N N 64  
GLU H    H N N 65  
GLU H2   H N N 66  
GLU HA   H N N 67  
GLU HB2  H N N 68  
GLU HB3  H N N 69  
GLU HG2  H N N 70  
GLU HG3  H N N 71  
GLU HE2  H N N 72  
GLU HXT  H N N 73  
GLY N    N N N 74  
GLY CA   C N N 75  
GLY C    C N N 76  
GLY O    O N N 77  
GLY OXT  O N N 78  
GLY H    H N N 79  
GLY H2   H N N 80  
GLY HA2  H N N 81  
GLY HA3  H N N 82  
GLY HXT  H N N 83  
ILE N    N N N 84  
ILE CA   C N S 85  
ILE C    C N N 86  
ILE O    O N N 87  
ILE CB   C N S 88  
ILE CG1  C N N 89  
ILE CG2  C N N 90  
ILE CD1  C N N 91  
ILE OXT  O N N 92  
ILE H    H N N 93  
ILE H2   H N N 94  
ILE HA   H N N 95  
ILE HB   H N N 96  
ILE HG12 H N N 97  
ILE HG13 H N N 98  
ILE HG21 H N N 99  
ILE HG22 H N N 100 
ILE HG23 H N N 101 
ILE HD11 H N N 102 
ILE HD12 H N N 103 
ILE HD13 H N N 104 
ILE HXT  H N N 105 
# 
loop_
_chem_comp_bond.comp_id 
_chem_comp_bond.atom_id_1 
_chem_comp_bond.atom_id_2 
_chem_comp_bond.value_order 
_chem_comp_bond.pdbx_aromatic_flag 
_chem_comp_bond.pdbx_stereo_config 
_chem_comp_bond.pdbx_ordinal 
ALA N   CA   sing N N 1  
ALA N   H    sing N N 2  
ALA N   H2   sing N N 3  
ALA CA  C    sing N N 4  
ALA CA  CB   sing N N 5  
ALA CA  HA   sing N N 6  
ALA C   O    doub N N 7  
ALA C   OXT  sing N N 8  
ALA CB  HB1  sing N N 9  
ALA CB  HB2  sing N N 10 
ALA CB  HB3  sing N N 11 
ALA OXT HXT  sing N N 12 
ARG N   CA   sing N N 13 
ARG N   H    sing N N 14 
ARG N   H2   sing N N 15 
ARG CA  C    sing N N 16 
ARG CA  CB   sing N N 17 
ARG CA  HA   sing N N 18 
ARG C   O    doub N N 19 
ARG C   OXT  sing N N 20 
ARG CB  CG   sing N N 21 
ARG CB  HB2  sing N N 22 
ARG CB  HB3  sing N N 23 
ARG CG  CD   sing N N 24 
ARG CG  HG2  sing N N 25 
ARG CG  HG3  sing N N 26 
ARG CD  NE   sing N N 27 
ARG CD  HD2  sing N N 28 
ARG CD  HD3  sing N N 29 
ARG NE  CZ   sing N N 30 
ARG NE  HE   sing N N 31 
ARG CZ  NH1  sing N N 32 
ARG CZ  NH2  doub N N 33 
ARG NH1 HH11 sing N N 34 
ARG NH1 HH12 sing N N 35 
ARG NH2 HH21 sing N N 36 
ARG NH2 HH22 sing N N 37 
ARG OXT HXT  sing N N 38 
CYS N   CA   sing N N 39 
CYS N   H    sing N N 40 
CYS N   H2   sing N N 41 
CYS CA  C    sing N N 42 
CYS CA  CB   sing N N 43 
CYS CA  HA   sing N N 44 
CYS C   O    doub N N 45 
CYS C   OXT  sing N N 46 
CYS CB  SG   sing N N 47 
CYS CB  HB2  sing N N 48 
CYS CB  HB3  sing N N 49 
CYS SG  HG   sing N N 50 
CYS OXT HXT  sing N N 51 
GLU N   CA   sing N N 52 
GLU N   H    sing N N 53 
GLU N   H2   sing N N 54 
GLU CA  C    sing N N 55 
GLU CA  CB   sing N N 56 
GLU CA  HA   sing N N 57 
GLU C   O    doub N N 58 
GLU C   OXT  sing N N 59 
GLU CB  CG   sing N N 60 
GLU CB  HB2  sing N N 61 
GLU CB  HB3  sing N N 62 
GLU CG  CD   sing N N 63 
GLU CG  HG2  sing N N 64 
GLU CG  HG3  sing N N 65 
GLU CD  OE1  doub N N 66 
GLU CD  OE2  sing N N 67 
GLU OE2 HE2  sing N N 68 
GLU OXT HXT  sing N N 69 
GLY N   CA   sing N N 70 
GLY N   H    sing N N 71 
GLY N   H2   sing N N 72 
GLY CA  C    sing N N 73 
GLY CA  HA2  sing N N 74 
GLY CA  HA3  sing N N 75 
GLY C   O    doub N N 76 
GLY C   OXT  sing N N 77 
GLY OXT HXT  sing N N 78 
ILE N   CA   sing N N 79 
ILE N   H    sing N N 80 
ILE N   H2   sing N N 81 
ILE CA  C    sing N N 82 
ILE CA  CB   sing N N 83 
ILE CA  HA   sing N N 84 
ILE C   O    doub N N 85 
ILE C   OXT  sing N N 86 
ILE CB  CG1  sing N N 87 
ILE CB  CG2  sing N N 88 
ILE CB  HB   sing N N 89 
ILE CG1 CD1  sing N N 90 
ILE CG1 HG12 sing N N 91 
ILE CG1 HG13 sing N N 92 
ILE CG2 HG21 sing N N 93 
ILE CG2 HG22 sing N N 94 
ILE CG2 HG23 sing N N 95 
ILE CD1 HD11 sing N N 96 
ILE CD1 HD12 sing N N 97 
ILE CD1 HD13 sing N N 98 
ILE OXT HXT  sing N N 99 
# 
_pdbx_nmr_spectrometer.spectrometer_id   1 
_pdbx_nmr_spectrometer.model             DRX 
_pdbx_nmr_spectrometer.manufacturer      Bruker 
_pdbx_nmr_spectrometer.field_strength    400 
_pdbx_nmr_spectrometer.type              ? 
# 
_atom_sites.entry_id                    1CS9 
_atom_sites.fract_transf_matrix[1][1]   1.000000 
_atom_sites.fract_transf_matrix[1][2]   0.000000 
_atom_sites.fract_transf_matrix[1][3]   0.000000 
_atom_sites.fract_transf_matrix[2][1]   0.000000 
_atom_sites.fract_transf_matrix[2][2]   1.000000 
_atom_sites.fract_transf_matrix[2][3]   0.000000 
_atom_sites.fract_transf_matrix[3][1]   0.000000 
_atom_sites.fract_transf_matrix[3][2]   0.000000 
_atom_sites.fract_transf_matrix[3][3]   1.000000 
_atom_sites.fract_transf_vector[1]      0.00000 
_atom_sites.fract_transf_vector[2]      0.00000 
_atom_sites.fract_transf_vector[3]      0.00000 
# 
loop_
_atom_type.symbol 
C 
H 
N 
O 
S 
# 
loop_
_atom_site.group_PDB 
_atom_site.id 
_atom_site.type_symbol 
_atom_site.label_atom_id 
_atom_site.label_alt_id 
_atom_site.label_comp_id 
_atom_site.label_asym_id 
_atom_site.label_entity_id 
_atom_site.label_seq_id 
_atom_site.pdbx_PDB_ins_code 
_atom_site.Cartn_x 
_atom_site.Cartn_y 
_atom_site.Cartn_z 
_atom_site.occupancy 
_atom_site.B_iso_or_equiv 
_atom_site.pdbx_formal_charge 
_atom_site.auth_seq_id 
_atom_site.auth_comp_id 
_atom_site.auth_asym_id 
_atom_site.auth_atom_id 
_atom_site.pdbx_PDB_model_num 
ATOM 1   N N    . CYS A 1 1 ? 0.996   -0.367 5.999   1.00 0.00 ? 1 CYS A N    1 
ATOM 2   C CA   . CYS A 1 1 ? 1.098   0.775  5.066   1.00 0.00 ? 1 CYS A CA   1 
ATOM 3   C C    . CYS A 1 1 ? 1.826   0.329  3.772   1.00 0.00 ? 1 CYS A C    1 
ATOM 4   O O    . CYS A 1 1 ? 3.045   0.115  3.771   1.00 0.00 ? 1 CYS A O    1 
ATOM 5   C CB   . CYS A 1 1 ? 1.762   1.983  5.762   1.00 0.00 ? 1 CYS A CB   1 
ATOM 6   S SG   . CYS A 1 1 ? 3.463   1.621  6.327   1.00 0.00 ? 1 CYS A SG   1 
ATOM 7   H H1   . CYS A 1 1 ? 0.483   -0.113 6.851   1.00 0.00 ? 1 CYS A H1   1 
ATOM 8   H H2   . CYS A 1 1 ? 0.506   -1.160 5.574   1.00 0.00 ? 1 CYS A H2   1 
ATOM 9   H H3   . CYS A 1 1 ? 1.922   -0.700 6.289   1.00 0.00 ? 1 CYS A H3   1 
ATOM 10  H HA   . CYS A 1 1 ? 0.062   1.086  4.821   1.00 0.00 ? 1 CYS A HA   1 
ATOM 11  H HB2  . CYS A 1 1 ? 1.803   2.841  5.068   1.00 0.00 ? 1 CYS A HB2  1 
ATOM 12  H HB3  . CYS A 1 1 ? 1.160   2.325  6.625   1.00 0.00 ? 1 CYS A HB3  1 
ATOM 13  H HG   . CYS A 1 1 ? 3.133   0.898  7.393   1.00 0.00 ? 1 CYS A HG   1 
ATOM 14  N N    . GLY A 1 2 ? 1.067   0.171  2.673   1.00 0.00 ? 2 GLY A N    1 
ATOM 15  C CA   . GLY A 1 2 ? 1.623   -0.242 1.364   1.00 0.00 ? 2 GLY A CA   1 
ATOM 16  C C    . GLY A 1 2 ? 1.580   -1.762 1.114   1.00 0.00 ? 2 GLY A C    1 
ATOM 17  O O    . GLY A 1 2 ? 0.633   -2.254 0.496   1.00 0.00 ? 2 GLY A O    1 
ATOM 18  H H    . GLY A 1 2 ? 0.076   0.416  2.784   1.00 0.00 ? 2 GLY A H    1 
ATOM 19  H HA2  . GLY A 1 2 ? 1.024   0.254  0.578   1.00 0.00 ? 2 GLY A HA2  1 
ATOM 20  H HA3  . GLY A 1 2 ? 2.647   0.156  1.210   1.00 0.00 ? 2 GLY A HA3  1 
ATOM 21  N N    . GLY A 1 3 ? 2.608   -2.488 1.594   1.00 0.00 ? 3 GLY A N    1 
ATOM 22  C CA   . GLY A 1 3 ? 2.716   -3.962 1.425   1.00 0.00 ? 3 GLY A CA   1 
ATOM 23  C C    . GLY A 1 3 ? 3.281   -4.395 0.073   1.00 0.00 ? 3 GLY A C    1 
ATOM 24  O O    . GLY A 1 3 ? 4.492   -4.449 -0.153  1.00 0.00 ? 3 GLY A O    1 
ATOM 25  H H    . GLY A 1 3 ? 3.314   -1.953 2.111   1.00 0.00 ? 3 GLY A H    1 
ATOM 26  H HA2  . GLY A 1 3 ? 3.370   -4.367 2.193   1.00 0.00 ? 3 GLY A HA2  1 
ATOM 27  H HA3  . GLY A 1 3 ? 1.704   -4.400 1.559   1.00 0.00 ? 3 GLY A HA3  1 
ATOM 28  N N    . ILE A 1 4 ? 2.325   -4.662 -0.800  1.00 0.00 ? 4 ILE A N    1 
ATOM 29  C CA   . ILE A 1 4 ? 2.560   -4.984 -2.239  1.00 0.00 ? 4 ILE A CA   1 
ATOM 30  C C    . ILE A 1 4 ? 1.900   -3.840 -3.119  1.00 0.00 ? 4 ILE A C    1 
ATOM 31  O O    . ILE A 1 4 ? 1.669   -4.032 -4.316  1.00 0.00 ? 4 ILE A O    1 
ATOM 32  C CB   . ILE A 1 4 ? 2.107   -6.461 -2.540  1.00 0.00 ? 4 ILE A CB   1 
ATOM 33  C CG1  . ILE A 1 4 ? 2.641   -7.052 -3.878  1.00 0.00 ? 4 ILE A CG1  1 
ATOM 34  C CG2  . ILE A 1 4 ? 0.572   -6.680 -2.467  1.00 0.00 ? 4 ILE A CG2  1 
ATOM 35  C CD1  . ILE A 1 4 ? 4.167   -7.205 -3.974  1.00 0.00 ? 4 ILE A CD1  1 
ATOM 36  H H    . ILE A 1 4 ? 1.388   -4.589 -0.388  1.00 0.00 ? 4 ILE A H    1 
ATOM 37  H HA   . ILE A 1 4 ? 3.644   -4.918 -2.449  1.00 0.00 ? 4 ILE A HA   1 
ATOM 38  H HB   . ILE A 1 4 ? 2.539   -7.103 -1.745  1.00 0.00 ? 4 ILE A HB   1 
ATOM 39  H HG12 . ILE A 1 4 ? 2.207   -8.059 -4.033  1.00 0.00 ? 4 ILE A HG12 1 
ATOM 40  H HG13 . ILE A 1 4 ? 2.280   -6.457 -4.737  1.00 0.00 ? 4 ILE A HG13 1 
ATOM 41  H HG21 . ILE A 1 4 ? 0.303   -7.747 -2.573  1.00 0.00 ? 4 ILE A HG21 1 
ATOM 42  H HG22 . ILE A 1 4 ? 0.154   -6.346 -1.500  1.00 0.00 ? 4 ILE A HG22 1 
ATOM 43  H HG23 . ILE A 1 4 ? 0.036   -6.128 -3.262  1.00 0.00 ? 4 ILE A HG23 1 
ATOM 44  H HD11 . ILE A 1 4 ? 4.573   -7.803 -3.137  1.00 0.00 ? 4 ILE A HD11 1 
ATOM 45  H HD12 . ILE A 1 4 ? 4.455   -7.717 -4.910  1.00 0.00 ? 4 ILE A HD12 1 
ATOM 46  H HD13 . ILE A 1 4 ? 4.686   -6.230 -3.970  1.00 0.00 ? 4 ILE A HD13 1 
ATOM 47  N N    . ARG A 1 5 ? 1.669   -2.634 -2.534  1.00 0.00 ? 5 ARG A N    1 
ATOM 48  C CA   . ARG A 1 5 ? 1.044   -1.461 -3.213  1.00 0.00 ? 5 ARG A CA   1 
ATOM 49  C C    . ARG A 1 5 ? 1.560   -0.129 -2.543  1.00 0.00 ? 5 ARG A C    1 
ATOM 50  O O    . ARG A 1 5 ? 2.434   -0.142 -1.667  1.00 0.00 ? 5 ARG A O    1 
ATOM 51  C CB   . ARG A 1 5 ? -0.520  -1.566 -3.141  1.00 0.00 ? 5 ARG A CB   1 
ATOM 52  C CG   . ARG A 1 5 ? -1.191  -2.714 -3.936  1.00 0.00 ? 5 ARG A CG   1 
ATOM 53  C CD   . ARG A 1 5 ? -2.733  -2.664 -3.972  1.00 0.00 ? 5 ARG A CD   1 
ATOM 54  N NE   . ARG A 1 5 ? -3.243  -1.604 -4.881  1.00 0.00 ? 5 ARG A NE   1 
ATOM 55  C CZ   . ARG A 1 5 ? -4.547  -1.334 -5.081  1.00 0.00 ? 5 ARG A CZ   1 
ATOM 56  N NH1  . ARG A 1 5 ? -5.543  -1.994 -4.494  1.00 0.00 ? 5 ARG A NH1  1 
ATOM 57  N NH2  . ARG A 1 5 ? -4.856  -0.353 -5.908  1.00 0.00 ? 5 ARG A NH2  1 
ATOM 58  H H    . ARG A 1 5 ? 1.833   -2.705 -1.500  1.00 0.00 ? 5 ARG A H    1 
ATOM 59  H HA   . ARG A 1 5 ? 1.364   -1.450 -4.275  1.00 0.00 ? 5 ARG A HA   1 
ATOM 60  H HB2  . ARG A 1 5 ? -0.841  -1.621 -2.083  1.00 0.00 ? 5 ARG A HB2  1 
ATOM 61  H HB3  . ARG A 1 5 ? -0.958  -0.622 -3.512  1.00 0.00 ? 5 ARG A HB3  1 
ATOM 62  H HG2  . ARG A 1 5 ? -0.789  -2.754 -4.966  1.00 0.00 ? 5 ARG A HG2  1 
ATOM 63  H HG3  . ARG A 1 5 ? -0.900  -3.677 -3.479  1.00 0.00 ? 5 ARG A HG3  1 
ATOM 64  H HD2  . ARG A 1 5 ? -3.114  -3.646 -4.312  1.00 0.00 ? 5 ARG A HD2  1 
ATOM 65  H HD3  . ARG A 1 5 ? -3.133  -2.522 -2.950  1.00 0.00 ? 5 ARG A HD3  1 
ATOM 66  H HE   . ARG A 1 5 ? -2.601  -1.001 -5.406  1.00 0.00 ? 5 ARG A HE   1 
ATOM 67  H HH11 . ARG A 1 5 ? -5.277  -2.746 -3.849  1.00 0.00 ? 5 ARG A HH11 1 
ATOM 68  H HH12 . ARG A 1 5 ? -6.494  -1.688 -4.722  1.00 0.00 ? 5 ARG A HH12 1 
ATOM 69  H HH21 . ARG A 1 5 ? -4.071  0.144  -6.344  1.00 0.00 ? 5 ARG A HH21 1 
ATOM 70  H HH22 . ARG A 1 5 ? -5.855  -0.161 -6.039  1.00 0.00 ? 5 ARG A HH22 1 
ATOM 71  N N    . GLY A 1 6 ? 1.056   1.039  -2.992  1.00 0.00 ? 6 GLY A N    1 
ATOM 72  C CA   . GLY A 1 6 ? 1.431   2.360  -2.430  1.00 0.00 ? 6 GLY A CA   1 
ATOM 73  C C    . GLY A 1 6 ? 0.167   3.086  -1.935  1.00 0.00 ? 6 GLY A C    1 
ATOM 74  O O    . GLY A 1 6 ? -0.388  3.910  -2.668  1.00 0.00 ? 6 GLY A O    1 
ATOM 75  H H    . GLY A 1 6 ? 0.298   0.962  -3.681  1.00 0.00 ? 6 GLY A H    1 
ATOM 76  H HA2  . GLY A 1 6 ? 2.185   2.294  -1.621  1.00 0.00 ? 6 GLY A HA2  1 
ATOM 77  H HA3  . GLY A 1 6 ? 1.913   2.962  -3.223  1.00 0.00 ? 6 GLY A HA3  1 
ATOM 78  N N    . GLU A 1 7 ? -0.276  2.780  -0.700  1.00 0.00 ? 7 GLU A N    1 
ATOM 79  C CA   . GLU A 1 7 ? -1.506  3.380  -0.105  1.00 0.00 ? 7 GLU A CA   1 
ATOM 80  C C    . GLU A 1 7 ? -1.487  3.300  1.454   1.00 0.00 ? 7 GLU A C    1 
ATOM 81  O O    . GLU A 1 7 ? -1.004  2.323  2.037   1.00 0.00 ? 7 GLU A O    1 
ATOM 82  C CB   . GLU A 1 7 ? -2.799  2.733  -0.694  1.00 0.00 ? 7 GLU A CB   1 
ATOM 83  C CG   . GLU A 1 7 ? -2.989  1.208  -0.478  1.00 0.00 ? 7 GLU A CG   1 
ATOM 84  C CD   . GLU A 1 7 ? -4.252  0.666  -1.147  1.00 0.00 ? 7 GLU A CD   1 
ATOM 85  O OE1  . GLU A 1 7 ? -4.208  0.365  -2.359  1.00 0.00 ? 7 GLU A OE1  1 
ATOM 86  O OE2  . GLU A 1 7 ? -5.293  0.538  -0.465  1.00 0.00 ? 7 GLU A OE2  1 
ATOM 87  H H    . GLU A 1 7 ? 0.260   2.057  -0.208  1.00 0.00 ? 7 GLU A H    1 
ATOM 88  H HA   . GLU A 1 7 ? -1.521  4.449  -0.398  1.00 0.00 ? 7 GLU A HA   1 
ATOM 89  H HB2  . GLU A 1 7 ? -3.680  3.266  -0.288  1.00 0.00 ? 7 GLU A HB2  1 
ATOM 90  H HB3  . GLU A 1 7 ? -2.832  2.943  -1.780  1.00 0.00 ? 7 GLU A HB3  1 
ATOM 91  H HG2  . GLU A 1 7 ? -2.118  0.653  -0.871  1.00 0.00 ? 7 GLU A HG2  1 
ATOM 92  H HG3  . GLU A 1 7 ? -3.025  0.975  0.603   1.00 0.00 ? 7 GLU A HG3  1 
ATOM 93  N N    . ARG A 1 8 ? -2.051  4.323  2.129   1.00 0.00 ? 8 ARG A N    1 
ATOM 94  C CA   . ARG A 1 8 ? -2.115  4.383  3.617   1.00 0.00 ? 8 ARG A CA   1 
ATOM 95  C C    . ARG A 1 8 ? -3.259  5.345  4.058   1.00 0.00 ? 8 ARG A C    1 
ATOM 96  O O    . ARG A 1 8 ? -3.357  6.471  3.556   1.00 0.00 ? 8 ARG A O    1 
ATOM 97  C CB   . ARG A 1 8 ? -0.746  4.735  4.273   1.00 0.00 ? 8 ARG A CB   1 
ATOM 98  C CG   . ARG A 1 8 ? -0.107  6.106  3.922   1.00 0.00 ? 8 ARG A CG   1 
ATOM 99  C CD   . ARG A 1 8 ? 1.282   6.341  4.549   1.00 0.00 ? 8 ARG A CD   1 
ATOM 100 N NE   . ARG A 1 8 ? 2.332   5.500  3.919   1.00 0.00 ? 8 ARG A NE   1 
ATOM 101 C CZ   . ARG A 1 8 ? 3.584   5.357  4.390   1.00 0.00 ? 8 ARG A CZ   1 
ATOM 102 N NH1  . ARG A 1 8 ? 4.046   5.974  5.478   1.00 0.00 ? 8 ARG A NH1  1 
ATOM 103 N NH2  . ARG A 1 8 ? 4.405   4.557  3.738   1.00 0.00 ? 8 ARG A NH2  1 
ATOM 104 H H    . ARG A 1 8 ? -2.469  5.062  1.554   1.00 0.00 ? 8 ARG A H    1 
ATOM 105 H HA   . ARG A 1 8 ? -2.362  3.358  3.965   1.00 0.00 ? 8 ARG A HA   1 
ATOM 106 H HB2  . ARG A 1 8 ? -0.850  4.660  5.372   1.00 0.00 ? 8 ARG A HB2  1 
ATOM 107 H HB3  . ARG A 1 8 ? -0.031  3.934  4.011   1.00 0.00 ? 8 ARG A HB3  1 
ATOM 108 H HG2  . ARG A 1 8 ? -0.050  6.234  2.823   1.00 0.00 ? 8 ARG A HG2  1 
ATOM 109 H HG3  . ARG A 1 8 ? -0.783  6.911  4.268   1.00 0.00 ? 8 ARG A HG3  1 
ATOM 110 H HD2  . ARG A 1 8 ? 1.556   7.407  4.431   1.00 0.00 ? 8 ARG A HD2  1 
ATOM 111 H HD3  . ARG A 1 8 ? 1.234   6.160  5.641   1.00 0.00 ? 8 ARG A HD3  1 
ATOM 112 H HE   . ARG A 1 8 ? 2.140   4.957  3.069   1.00 0.00 ? 8 ARG A HE   1 
ATOM 113 H HH11 . ARG A 1 8 ? 3.389   6.593  5.966   1.00 0.00 ? 8 ARG A HH11 1 
ATOM 114 H HH12 . ARG A 1 8 ? 5.020   5.785  5.736   1.00 0.00 ? 8 ARG A HH12 1 
ATOM 115 H HH21 . ARG A 1 8 ? 4.030   4.094  2.904   1.00 0.00 ? 8 ARG A HH21 1 
ATOM 116 H HH22 . ARG A 1 8 ? 5.356   4.466  4.116   1.00 0.00 ? 8 ARG A HH22 1 
ATOM 117 N N    . ALA A 1 9 ? -4.119  4.904  5.009   1.00 0.00 ? 9 ALA A N    1 
ATOM 118 C CA   . ALA A 1 9 ? -5.265  5.698  5.542   1.00 0.00 ? 9 ALA A CA   1 
ATOM 119 C C    . ALA A 1 9 ? -6.378  5.954  4.493   1.00 0.00 ? 9 ALA A C    1 
ATOM 120 O O    . ALA A 1 9 ? -7.362  5.183  4.464   1.00 0.00 ? 9 ALA A O    1 
ATOM 121 C CB   . ALA A 1 9 ? -4.829  6.967  6.307   1.00 0.00 ? 9 ALA A CB   1 
ATOM 122 O OXT  . ALA A 1 9 ? -6.270  6.914  3.694   1.00 0.00 ? 9 ALA A OXT  1 
ATOM 123 H H    . ALA A 1 9 ? -3.912  3.969  5.376   1.00 0.00 ? 9 ALA A H    1 
ATOM 124 H HA   . ALA A 1 9 ? -5.735  5.060  6.316   1.00 0.00 ? 9 ALA A HA   1 
ATOM 125 H HB1  . ALA A 1 9 ? -4.362  7.720  5.644   1.00 0.00 ? 9 ALA A HB1  1 
ATOM 126 H HB2  . ALA A 1 9 ? -5.688  7.460  6.801   1.00 0.00 ? 9 ALA A HB2  1 
ATOM 127 H HB3  . ALA A 1 9 ? -4.097  6.732  7.101   1.00 0.00 ? 9 ALA A HB3  1 
ATOM 128 N N    . CYS A 1 1 ? 5.105   1.829  1.445   1.00 0.00 ? 1 CYS A N    2 
ATOM 129 C CA   . CYS A 1 1 ? 3.779   2.452  1.236   1.00 0.00 ? 1 CYS A CA   2 
ATOM 130 C C    . CYS A 1 1 ? 2.640   1.608  1.871   1.00 0.00 ? 1 CYS A C    2 
ATOM 131 O O    . CYS A 1 1 ? 2.001   2.086  2.812   1.00 0.00 ? 1 CYS A O    2 
ATOM 132 C CB   . CYS A 1 1 ? 3.580   2.793  -0.256  1.00 0.00 ? 1 CYS A CB   2 
ATOM 133 S SG   . CYS A 1 1 ? 2.030   3.726  -0.483  1.00 0.00 ? 1 CYS A SG   2 
ATOM 134 H H1   . CYS A 1 1 ? 5.863   2.421  1.088   1.00 0.00 ? 1 CYS A H1   2 
ATOM 135 H H2   . CYS A 1 1 ? 5.293   1.660  2.439   1.00 0.00 ? 1 CYS A H2   2 
ATOM 136 H H3   . CYS A 1 1 ? 5.176   0.924  0.965   1.00 0.00 ? 1 CYS A H3   2 
ATOM 137 H HA   . CYS A 1 1 ? 3.801   3.419  1.774   1.00 0.00 ? 1 CYS A HA   2 
ATOM 138 H HB2  . CYS A 1 1 ? 4.415   3.411  -0.641  1.00 0.00 ? 1 CYS A HB2  2 
ATOM 139 H HB3  . CYS A 1 1 ? 3.552   1.881  -0.880  1.00 0.00 ? 1 CYS A HB3  2 
ATOM 140 H HG   . CYS A 1 1 ? 2.085   3.777  -1.810  1.00 0.00 ? 1 CYS A HG   2 
ATOM 141 N N    . GLY A 1 2 ? 2.372   0.379  1.379   1.00 0.00 ? 2 GLY A N    2 
ATOM 142 C CA   . GLY A 1 2 ? 1.303   -0.478 1.941   1.00 0.00 ? 2 GLY A CA   2 
ATOM 143 C C    . GLY A 1 2 ? 1.319   -1.903 1.362   1.00 0.00 ? 2 GLY A C    2 
ATOM 144 O O    . GLY A 1 2 ? 0.542   -2.214 0.456   1.00 0.00 ? 2 GLY A O    2 
ATOM 145 H H    . GLY A 1 2 ? 2.951   0.086  0.583   1.00 0.00 ? 2 GLY A H    2 
ATOM 146 H HA2  . GLY A 1 2 ? 1.374   -0.516 3.047   1.00 0.00 ? 2 GLY A HA2  2 
ATOM 147 H HA3  . GLY A 1 2 ? 0.317   -0.020 1.741   1.00 0.00 ? 2 GLY A HA3  2 
ATOM 148 N N    . GLY A 1 3 ? 2.202   -2.756 1.908   1.00 0.00 ? 3 GLY A N    2 
ATOM 149 C CA   . GLY A 1 3 ? 2.356   -4.170 1.489   1.00 0.00 ? 3 GLY A CA   2 
ATOM 150 C C    . GLY A 1 3 ? 3.196   -4.399 0.233   1.00 0.00 ? 3 GLY A C    2 
ATOM 151 O O    . GLY A 1 3 ? 4.427   -4.378 0.243   1.00 0.00 ? 3 GLY A O    2 
ATOM 152 H H    . GLY A 1 3 ? 2.806   -2.348 2.631   1.00 0.00 ? 3 GLY A H    2 
ATOM 153 H HA2  . GLY A 1 3 ? 2.806   -4.746 2.291   1.00 0.00 ? 3 GLY A HA2  2 
ATOM 154 H HA3  . GLY A 1 3 ? 1.331   -4.574 1.320   1.00 0.00 ? 3 GLY A HA3  2 
ATOM 155 N N    . ILE A 1 4 ? 2.442   -4.572 -0.840  1.00 0.00 ? 4 ILE A N    2 
ATOM 156 C CA   . ILE A 1 4 ? 2.945   -4.712 -2.228  1.00 0.00 ? 4 ILE A CA   2 
ATOM 157 C C    . ILE A 1 4 ? 2.315   -3.581 -3.128  1.00 0.00 ? 4 ILE A C    2 
ATOM 158 O O    . ILE A 1 4 ? 2.492   -3.621 -4.349  1.00 0.00 ? 4 ILE A O    2 
ATOM 159 C CB   . ILE A 1 4 ? 2.723   -6.162 -2.793  1.00 0.00 ? 4 ILE A CB   2 
ATOM 160 C CG1  . ILE A 1 4 ? 1.242   -6.649 -2.800  1.00 0.00 ? 4 ILE A CG1  2 
ATOM 161 C CG2  . ILE A 1 4 ? 3.672   -7.186 -2.122  1.00 0.00 ? 4 ILE A CG2  2 
ATOM 162 C CD1  . ILE A 1 4 ? 0.948   -7.862 -3.698  1.00 0.00 ? 4 ILE A CD1  2 
ATOM 163 H H    . ILE A 1 4 ? 1.444   -4.673 -0.637  1.00 0.00 ? 4 ILE A H    2 
ATOM 164 H HA   . ILE A 1 4 ? 4.032   -4.503 -2.255  1.00 0.00 ? 4 ILE A HA   2 
ATOM 165 H HB   . ILE A 1 4 ? 3.041   -6.113 -3.848  1.00 0.00 ? 4 ILE A HB   2 
ATOM 166 H HG12 . ILE A 1 4 ? 0.909   -6.872 -1.768  1.00 0.00 ? 4 ILE A HG12 2 
ATOM 167 H HG13 . ILE A 1 4 ? 0.584   -5.825 -3.137  1.00 0.00 ? 4 ILE A HG13 2 
ATOM 168 H HG21 . ILE A 1 4 ? 3.417   -7.350 -1.059  1.00 0.00 ? 4 ILE A HG21 2 
ATOM 169 H HG22 . ILE A 1 4 ? 3.638   -8.171 -2.623  1.00 0.00 ? 4 ILE A HG22 2 
ATOM 170 H HG23 . ILE A 1 4 ? 4.724   -6.853 -2.158  1.00 0.00 ? 4 ILE A HG23 2 
ATOM 171 H HD11 . ILE A 1 4 ? 1.232   -7.669 -4.750  1.00 0.00 ? 4 ILE A HD11 2 
ATOM 172 H HD12 . ILE A 1 4 ? 1.490   -8.766 -3.366  1.00 0.00 ? 4 ILE A HD12 2 
ATOM 173 H HD13 . ILE A 1 4 ? -0.129  -8.110 -3.692  1.00 0.00 ? 4 ILE A HD13 2 
ATOM 174 N N    . ARG A 1 5 ? 1.628   -2.560 -2.543  1.00 0.00 ? 5 ARG A N    2 
ATOM 175 C CA   . ARG A 1 5 ? 0.985   -1.464 -3.324  1.00 0.00 ? 5 ARG A CA   2 
ATOM 176 C C    . ARG A 1 5 ? 0.870   -0.175 -2.454  1.00 0.00 ? 5 ARG A C    2 
ATOM 177 O O    . ARG A 1 5 ? 1.854   0.565  -2.367  1.00 0.00 ? 5 ARG A O    2 
ATOM 178 C CB   . ARG A 1 5 ? -0.319  -1.986 -4.020  1.00 0.00 ? 5 ARG A CB   2 
ATOM 179 C CG   . ARG A 1 5 ? -1.073  -1.009 -4.953  1.00 0.00 ? 5 ARG A CG   2 
ATOM 180 C CD   . ARG A 1 5 ? -0.281  -0.549 -6.197  1.00 0.00 ? 5 ARG A CD   2 
ATOM 181 N NE   . ARG A 1 5 ? -1.069  0.379  -7.049  1.00 0.00 ? 5 ARG A NE   2 
ATOM 182 C CZ   . ARG A 1 5 ? -1.143  1.715  -6.873  1.00 0.00 ? 5 ARG A CZ   2 
ATOM 183 N NH1  . ARG A 1 5 ? -0.524  2.374  -5.897  1.00 0.00 ? 5 ARG A NH1  2 
ATOM 184 N NH2  . ARG A 1 5 ? -1.880  2.410  -7.719  1.00 0.00 ? 5 ARG A NH2  2 
ATOM 185 H H    . ARG A 1 5 ? 1.563   -2.724 -1.506  1.00 0.00 ? 5 ARG A H    2 
ATOM 186 H HA   . ARG A 1 5 ? 1.685   -1.190 -4.139  1.00 0.00 ? 5 ARG A HA   2 
ATOM 187 H HB2  . ARG A 1 5 ? -0.088  -2.898 -4.604  1.00 0.00 ? 5 ARG A HB2  2 
ATOM 188 H HB3  . ARG A 1 5 ? -1.026  -2.333 -3.242  1.00 0.00 ? 5 ARG A HB3  2 
ATOM 189 H HG2  . ARG A 1 5 ? -2.009  -1.500 -5.285  1.00 0.00 ? 5 ARG A HG2  2 
ATOM 190 H HG3  . ARG A 1 5 ? -1.409  -0.128 -4.375  1.00 0.00 ? 5 ARG A HG3  2 
ATOM 191 H HD2  . ARG A 1 5 ? 0.684   -0.089 -5.909  1.00 0.00 ? 5 ARG A HD2  2 
ATOM 192 H HD3  . ARG A 1 5 ? -0.005  -1.431 -6.805  1.00 0.00 ? 5 ARG A HD3  2 
ATOM 193 H HE   . ARG A 1 5 ? -1.610  0.032  -7.848  1.00 0.00 ? 5 ARG A HE   2 
ATOM 194 H HH11 . ARG A 1 5 ? 0.039   1.813  -5.251  1.00 0.00 ? 5 ARG A HH11 2 
ATOM 195 H HH12 . ARG A 1 5 ? -0.662  3.390  -5.868  1.00 0.00 ? 5 ARG A HH12 2 
ATOM 196 H HH21 . ARG A 1 5 ? -2.350  1.881  -8.462  1.00 0.00 ? 5 ARG A HH21 2 
ATOM 197 H HH22 . ARG A 1 5 ? -1.925  3.423  -7.564  1.00 0.00 ? 5 ARG A HH22 2 
ATOM 198 N N    . GLY A 1 6 ? -0.289  0.108  -1.830  1.00 0.00 ? 6 GLY A N    2 
ATOM 199 C CA   . GLY A 1 6 ? -0.465  1.330  -1.012  1.00 0.00 ? 6 GLY A CA   2 
ATOM 200 C C    . GLY A 1 6 ? -1.904  1.489  -0.504  1.00 0.00 ? 6 GLY A C    2 
ATOM 201 O O    . GLY A 1 6 ? -2.726  2.099  -1.193  1.00 0.00 ? 6 GLY A O    2 
ATOM 202 H H    . GLY A 1 6 ? -1.047  -0.560 -2.003  1.00 0.00 ? 6 GLY A H    2 
ATOM 203 H HA2  . GLY A 1 6 ? 0.258   1.349  -0.177  1.00 0.00 ? 6 GLY A HA2  2 
ATOM 204 H HA3  . GLY A 1 6 ? -0.212  2.219  -1.623  1.00 0.00 ? 6 GLY A HA3  2 
ATOM 205 N N    . GLU A 1 7 ? -2.203  0.950  0.693   1.00 0.00 ? 7 GLU A N    2 
ATOM 206 C CA   . GLU A 1 7 ? -3.554  1.036  1.307   1.00 0.00 ? 7 GLU A CA   2 
ATOM 207 C C    . GLU A 1 7 ? -3.400  0.815  2.840   1.00 0.00 ? 7 GLU A C    2 
ATOM 208 O O    . GLU A 1 7 ? -2.986  -0.263 3.282   1.00 0.00 ? 7 GLU A O    2 
ATOM 209 C CB   . GLU A 1 7 ? -4.545  0.019  0.660   1.00 0.00 ? 7 GLU A CB   2 
ATOM 210 C CG   . GLU A 1 7 ? -6.002  0.030  1.185   1.00 0.00 ? 7 GLU A CG   2 
ATOM 211 C CD   . GLU A 1 7 ? -6.744  1.362  1.026   1.00 0.00 ? 7 GLU A CD   2 
ATOM 212 O OE1  . GLU A 1 7 ? -7.277  1.630  -0.072  1.00 0.00 ? 7 GLU A OE1  2 
ATOM 213 O OE2  . GLU A 1 7 ? -6.794  2.144  2.002   1.00 0.00 ? 7 GLU A OE2  2 
ATOM 214 H H    . GLU A 1 7 ? -1.432  0.474  1.178   1.00 0.00 ? 7 GLU A H    2 
ATOM 215 H HA   . GLU A 1 7 ? -3.955  2.049  1.101   1.00 0.00 ? 7 GLU A HA   2 
ATOM 216 H HB2  . GLU A 1 7 ? -4.577  0.187  -0.434  1.00 0.00 ? 7 GLU A HB2  2 
ATOM 217 H HB3  . GLU A 1 7 ? -4.144  -1.007 0.772   1.00 0.00 ? 7 GLU A HB3  2 
ATOM 218 H HG2  . GLU A 1 7 ? -6.581  -0.754 0.664   1.00 0.00 ? 7 GLU A HG2  2 
ATOM 219 H HG3  . GLU A 1 7 ? -6.021  -0.269 2.250   1.00 0.00 ? 7 GLU A HG3  2 
ATOM 220 N N    . ARG A 1 8 ? -3.746  1.838  3.648   1.00 0.00 ? 8 ARG A N    2 
ATOM 221 C CA   . ARG A 1 8 ? -3.670  1.766  5.130   1.00 0.00 ? 8 ARG A CA   2 
ATOM 222 C C    . ARG A 1 8 ? -4.660  2.839  5.678   1.00 0.00 ? 8 ARG A C    2 
ATOM 223 O O    . ARG A 1 8 ? -4.282  3.996  5.893   1.00 0.00 ? 8 ARG A O    2 
ATOM 224 C CB   . ARG A 1 8 ? -2.204  1.950  5.629   1.00 0.00 ? 8 ARG A CB   2 
ATOM 225 C CG   . ARG A 1 8 ? -2.012  1.677  7.138   1.00 0.00 ? 8 ARG A CG   2 
ATOM 226 C CD   . ARG A 1 8 ? -0.550  1.859  7.599   1.00 0.00 ? 8 ARG A CD   2 
ATOM 227 N NE   . ARG A 1 8 ? -0.379  1.554  9.043   1.00 0.00 ? 8 ARG A NE   2 
ATOM 228 C CZ   . ARG A 1 8 ? -0.526  2.444  10.046  1.00 0.00 ? 8 ARG A CZ   2 
ATOM 229 N NH1  . ARG A 1 8 ? -0.856  3.721  9.867   1.00 0.00 ? 8 ARG A NH1  2 
ATOM 230 N NH2  . ARG A 1 8 ? -0.336  2.022  11.281  1.00 0.00 ? 8 ARG A NH2  2 
ATOM 231 H H    . ARG A 1 8 ? -4.095  2.681  3.180   1.00 0.00 ? 8 ARG A H    2 
ATOM 232 H HA   . ARG A 1 8 ? -3.998  0.759  5.457   1.00 0.00 ? 8 ARG A HA   2 
ATOM 233 H HB2  . ARG A 1 8 ? -1.538  1.266  5.069   1.00 0.00 ? 8 ARG A HB2  2 
ATOM 234 H HB3  . ARG A 1 8 ? -1.846  2.969  5.381   1.00 0.00 ? 8 ARG A HB3  2 
ATOM 235 H HG2  . ARG A 1 8 ? -2.668  2.349  7.723   1.00 0.00 ? 8 ARG A HG2  2 
ATOM 236 H HG3  . ARG A 1 8 ? -2.351  0.649  7.370   1.00 0.00 ? 8 ARG A HG3  2 
ATOM 237 H HD2  . ARG A 1 8 ? 0.104   1.176  7.023   1.00 0.00 ? 8 ARG A HD2  2 
ATOM 238 H HD3  . ARG A 1 8 ? -0.186  2.875  7.356   1.00 0.00 ? 8 ARG A HD3  2 
ATOM 239 H HE   . ARG A 1 8 ? -0.126  0.611  9.358   1.00 0.00 ? 8 ARG A HE   2 
ATOM 240 H HH11 . ARG A 1 8 ? -1.004  4.025  8.898   1.00 0.00 ? 8 ARG A HH11 2 
ATOM 241 H HH12 . ARG A 1 8 ? -0.940  4.297  10.711  1.00 0.00 ? 8 ARG A HH12 2 
ATOM 242 H HH21 . ARG A 1 8 ? -0.084  1.035  11.395  1.00 0.00 ? 8 ARG A HH21 2 
ATOM 243 H HH22 . ARG A 1 8 ? -0.455  2.716  12.026  1.00 0.00 ? 8 ARG A HH22 2 
ATOM 244 N N    . ALA A 1 9 ? -5.934  2.446  5.901   1.00 0.00 ? 9 ALA A N    2 
ATOM 245 C CA   . ALA A 1 9 ? -6.984  3.364  6.412   1.00 0.00 ? 9 ALA A CA   2 
ATOM 246 C C    . ALA A 1 9 ? -8.097  2.537  7.085   1.00 0.00 ? 9 ALA A C    2 
ATOM 247 O O    . ALA A 1 9 ? -8.261  2.655  8.321   1.00 0.00 ? 9 ALA A O    2 
ATOM 248 C CB   . ALA A 1 9 ? -7.550  4.248  5.278   1.00 0.00 ? 9 ALA A CB   2 
ATOM 249 O OXT  . ALA A 1 9 ? -8.811  1.770  6.397   1.00 0.00 ? 9 ALA A OXT  2 
ATOM 250 H H    . ALA A 1 9 ? -6.159  1.490  5.604   1.00 0.00 ? 9 ALA A H    2 
ATOM 251 H HA   . ALA A 1 9 ? -6.547  4.034  7.179   1.00 0.00 ? 9 ALA A HA   2 
ATOM 252 H HB1  . ALA A 1 9 ? -8.336  4.936  5.648   1.00 0.00 ? 9 ALA A HB1  2 
ATOM 253 H HB2  . ALA A 1 9 ? -6.765  4.882  4.825   1.00 0.00 ? 9 ALA A HB2  2 
ATOM 254 H HB3  . ALA A 1 9 ? -7.995  3.650  4.459   1.00 0.00 ? 9 ALA A HB3  2 
ATOM 255 N N    . CYS A 1 1 ? 2.394   3.872  0.940   1.00 0.00 ? 1 CYS A N    3 
ATOM 256 C CA   . CYS A 1 1 ? 3.105   2.695  1.478   1.00 0.00 ? 1 CYS A CA   3 
ATOM 257 C C    . CYS A 1 1 ? 2.081   1.699  2.081   1.00 0.00 ? 1 CYS A C    3 
ATOM 258 O O    . CYS A 1 1 ? 1.370   2.027  3.037   1.00 0.00 ? 1 CYS A O    3 
ATOM 259 C CB   . CYS A 1 1 ? 4.160   3.142  2.514   1.00 0.00 ? 1 CYS A CB   3 
ATOM 260 S SG   . CYS A 1 1 ? 5.410   4.225  1.740   1.00 0.00 ? 1 CYS A SG   3 
ATOM 261 H H1   . CYS A 1 1 ? 1.715   3.606  0.218   1.00 0.00 ? 1 CYS A H1   3 
ATOM 262 H H2   . CYS A 1 1 ? 1.878   4.371  1.673   1.00 0.00 ? 1 CYS A H2   3 
ATOM 263 H H3   . CYS A 1 1 ? 3.042   4.545  0.514   1.00 0.00 ? 1 CYS A H3   3 
ATOM 264 H HA   . CYS A 1 1 ? 3.646   2.224  0.635   1.00 0.00 ? 1 CYS A HA   3 
ATOM 265 H HB2  . CYS A 1 1 ? 3.694   3.677  3.363   1.00 0.00 ? 1 CYS A HB2  3 
ATOM 266 H HB3  . CYS A 1 1 ? 4.678   2.266  2.947   1.00 0.00 ? 1 CYS A HB3  3 
ATOM 267 H HG   . CYS A 1 1 ? 5.957   3.299  0.957   1.00 0.00 ? 1 CYS A HG   3 
ATOM 268 N N    . GLY A 1 2 ? 2.030   0.476  1.529   1.00 0.00 ? 2 GLY A N    3 
ATOM 269 C CA   . GLY A 1 2 ? 1.088   -0.562 2.006   1.00 0.00 ? 2 GLY A CA   3 
ATOM 270 C C    . GLY A 1 2 ? 1.313   -1.954 1.391   1.00 0.00 ? 2 GLY A C    3 
ATOM 271 O O    . GLY A 1 2 ? 0.580   -2.350 0.483   1.00 0.00 ? 2 GLY A O    3 
ATOM 272 H H    . GLY A 1 2 ? 2.631   0.328  0.711   1.00 0.00 ? 2 GLY A H    3 
ATOM 273 H HA2  . GLY A 1 2 ? 1.113   -0.632 3.112   1.00 0.00 ? 2 GLY A HA2  3 
ATOM 274 H HA3  . GLY A 1 2 ? 0.060   -0.238 1.763   1.00 0.00 ? 2 GLY A HA3  3 
ATOM 275 N N    . GLY A 1 3 ? 2.326   -2.683 1.888   1.00 0.00 ? 3 GLY A N    3 
ATOM 276 C CA   . GLY A 1 3 ? 2.658   -4.061 1.447   1.00 0.00 ? 3 GLY A CA   3 
ATOM 277 C C    . GLY A 1 3 ? 3.300   -4.280 0.081   1.00 0.00 ? 3 GLY A C    3 
ATOM 278 O O    . GLY A 1 3 ? 4.505   -4.100 -0.113  1.00 0.00 ? 3 GLY A O    3 
ATOM 279 H H    . GLY A 1 3 ? 2.873   -2.210 2.617   1.00 0.00 ? 3 GLY A H    3 
ATOM 280 H HA2  . GLY A 1 3 ? 3.337   -4.508 2.165   1.00 0.00 ? 3 GLY A HA2  3 
ATOM 281 H HA3  . GLY A 1 3 ? 1.706   -4.631 1.472   1.00 0.00 ? 3 GLY A HA3  3 
ATOM 282 N N    . ILE A 1 4 ? 2.423   -4.631 -0.849  1.00 0.00 ? 4 ILE A N    3 
ATOM 283 C CA   . ILE A 1 4 ? 2.756   -4.827 -2.287  1.00 0.00 ? 4 ILE A CA   3 
ATOM 284 C C    . ILE A 1 4 ? 1.969   -3.753 -3.131  1.00 0.00 ? 4 ILE A C    3 
ATOM 285 O O    . ILE A 1 4 ? 1.651   -3.980 -4.302  1.00 0.00 ? 4 ILE A O    3 
ATOM 286 C CB   . ILE A 1 4 ? 2.517   -6.312 -2.740  1.00 0.00 ? 4 ILE A CB   3 
ATOM 287 C CG1  . ILE A 1 4 ? 1.065   -6.845 -2.530  1.00 0.00 ? 4 ILE A CG1  3 
ATOM 288 C CG2  . ILE A 1 4 ? 3.578   -7.270 -2.141  1.00 0.00 ? 4 ILE A CG2  3 
ATOM 289 C CD1  . ILE A 1 4 ? 0.703   -8.106 -3.332  1.00 0.00 ? 4 ILE A CD1  3 
ATOM 290 H H    . ILE A 1 4 ? 1.491   -4.840 -0.482  1.00 0.00 ? 4 ILE A H    3 
ATOM 291 H HA   . ILE A 1 4 ? 3.825   -4.596 -2.469  1.00 0.00 ? 4 ILE A HA   3 
ATOM 292 H HB   . ILE A 1 4 ? 2.697   -6.314 -3.828  1.00 0.00 ? 4 ILE A HB   3 
ATOM 293 H HG12 . ILE A 1 4 ? 0.878   -7.029 -1.456  1.00 0.00 ? 4 ILE A HG12 3 
ATOM 294 H HG13 . ILE A 1 4 ? 0.339   -6.058 -2.814  1.00 0.00 ? 4 ILE A HG13 3 
ATOM 295 H HG21 . ILE A 1 4 ? 3.467   -7.378 -1.047  1.00 0.00 ? 4 ILE A HG21 3 
ATOM 296 H HG22 . ILE A 1 4 ? 3.515   -8.283 -2.578  1.00 0.00 ? 4 ILE A HG22 3 
ATOM 297 H HG23 . ILE A 1 4 ? 4.606   -6.910 -2.332  1.00 0.00 ? 4 ILE A HG23 3 
ATOM 298 H HD11 . ILE A 1 4 ? -0.355  -8.387 -3.173  1.00 0.00 ? 4 ILE A HD11 3 
ATOM 299 H HD12 . ILE A 1 4 ? 0.840   -7.953 -4.419  1.00 0.00 ? 4 ILE A HD12 3 
ATOM 300 H HD13 . ILE A 1 4 ? 1.316   -8.976 -3.037  1.00 0.00 ? 4 ILE A HD13 3 
ATOM 301 N N    . ARG A 1 5 ? 1.711   -2.562 -2.535  1.00 0.00 ? 5 ARG A N    3 
ATOM 302 C CA   . ARG A 1 5 ? 0.969   -1.455 -3.197  1.00 0.00 ? 5 ARG A CA   3 
ATOM 303 C C    . ARG A 1 5 ? 1.386   -0.097 -2.549  1.00 0.00 ? 5 ARG A C    3 
ATOM 304 O O    . ARG A 1 5 ? 1.544   -0.024 -1.326  1.00 0.00 ? 5 ARG A O    3 
ATOM 305 C CB   . ARG A 1 5 ? -0.565  -1.680 -3.021  1.00 0.00 ? 5 ARG A CB   3 
ATOM 306 C CG   . ARG A 1 5 ? -1.474  -0.715 -3.822  1.00 0.00 ? 5 ARG A CG   3 
ATOM 307 C CD   . ARG A 1 5 ? -2.960  -0.846 -3.446  1.00 0.00 ? 5 ARG A CD   3 
ATOM 308 N NE   . ARG A 1 5 ? -3.789  0.097  -4.235  1.00 0.00 ? 5 ARG A NE   3 
ATOM 309 C CZ   . ARG A 1 5 ? -5.083  0.372  -3.982  1.00 0.00 ? 5 ARG A CZ   3 
ATOM 310 N NH1  . ARG A 1 5 ? -5.775  -0.161 -2.977  1.00 0.00 ? 5 ARG A NH1  3 
ATOM 311 N NH2  . ARG A 1 5 ? -5.701  1.224  -4.777  1.00 0.00 ? 5 ARG A NH2  3 
ATOM 312 H H    . ARG A 1 5 ? 1.857   -2.667 -1.496  1.00 0.00 ? 5 ARG A H    3 
ATOM 313 H HA   . ARG A 1 5 ? 1.213   -1.477 -4.277  1.00 0.00 ? 5 ARG A HA   3 
ATOM 314 H HB2  . ARG A 1 5 ? -0.824  -2.715 -3.319  1.00 0.00 ? 5 ARG A HB2  3 
ATOM 315 H HB3  . ARG A 1 5 ? -0.821  -1.623 -1.944  1.00 0.00 ? 5 ARG A HB3  3 
ATOM 316 H HG2  . ARG A 1 5 ? -1.162  0.331  -3.648  1.00 0.00 ? 5 ARG A HG2  3 
ATOM 317 H HG3  . ARG A 1 5 ? -1.333  -0.894 -4.906  1.00 0.00 ? 5 ARG A HG3  3 
ATOM 318 H HD2  . ARG A 1 5 ? -3.310  -1.882 -3.616  1.00 0.00 ? 5 ARG A HD2  3 
ATOM 319 H HD3  . ARG A 1 5 ? -3.079  -0.641 -2.364  1.00 0.00 ? 5 ARG A HD3  3 
ATOM 320 H HE   . ARG A 1 5 ? -3.404  0.596  -5.045  1.00 0.00 ? 5 ARG A HE   3 
ATOM 321 H HH11 . ARG A 1 5 ? -5.274  -0.820 -2.374  1.00 0.00 ? 5 ARG A HH11 3 
ATOM 322 H HH12 . ARG A 1 5 ? -6.754  0.135  -2.888  1.00 0.00 ? 5 ARG A HH12 3 
ATOM 323 H HH21 . ARG A 1 5 ? -5.146  1.628  -5.539  1.00 0.00 ? 5 ARG A HH21 3 
ATOM 324 H HH22 . ARG A 1 5 ? -6.683  1.426  -4.559  1.00 0.00 ? 5 ARG A HH22 3 
ATOM 325 N N    . GLY A 1 6 ? 1.527   0.994  -3.336  1.00 0.00 ? 6 GLY A N    3 
ATOM 326 C CA   . GLY A 1 6 ? 1.875   2.326  -2.772  1.00 0.00 ? 6 GLY A CA   3 
ATOM 327 C C    . GLY A 1 6 ? 0.641   3.154  -2.330  1.00 0.00 ? 6 GLY A C    3 
ATOM 328 O O    . GLY A 1 6 ? 0.435   4.263  -2.829  1.00 0.00 ? 6 GLY A O    3 
ATOM 329 H H    . GLY A 1 6 ? 1.310   0.899  -4.335  1.00 0.00 ? 6 GLY A H    3 
ATOM 330 H HA2  . GLY A 1 6 ? 2.586   2.237  -1.928  1.00 0.00 ? 6 GLY A HA2  3 
ATOM 331 H HA3  . GLY A 1 6 ? 2.429   2.895  -3.541  1.00 0.00 ? 6 GLY A HA3  3 
ATOM 332 N N    . GLU A 1 7 ? -0.156  2.606  -1.391  1.00 0.00 ? 7 GLU A N    3 
ATOM 333 C CA   . GLU A 1 7 ? -1.379  3.257  -0.855  1.00 0.00 ? 7 GLU A CA   3 
ATOM 334 C C    . GLU A 1 7 ? -1.663  2.589  0.530   1.00 0.00 ? 7 GLU A C    3 
ATOM 335 O O    . GLU A 1 7 ? -1.048  3.012  1.514   1.00 0.00 ? 7 GLU A O    3 
ATOM 336 C CB   . GLU A 1 7 ? -2.544  3.260  -1.896  1.00 0.00 ? 7 GLU A CB   3 
ATOM 337 C CG   . GLU A 1 7 ? -3.749  4.142  -1.496  1.00 0.00 ? 7 GLU A CG   3 
ATOM 338 C CD   . GLU A 1 7 ? -4.972  3.913  -2.383  1.00 0.00 ? 7 GLU A CD   3 
ATOM 339 O OE1  . GLU A 1 7 ? -5.032  4.480  -3.495  1.00 0.00 ? 7 GLU A OE1  3 
ATOM 340 O OE2  . GLU A 1 7 ? -5.880  3.156  -1.971  1.00 0.00 ? 7 GLU A OE2  3 
ATOM 341 H H    . GLU A 1 7 ? 0.174   1.695  -1.053  1.00 0.00 ? 7 GLU A H    3 
ATOM 342 H HA   . GLU A 1 7 ? -1.132  4.316  -0.642  1.00 0.00 ? 7 GLU A HA   3 
ATOM 343 H HB2  . GLU A 1 7 ? -2.175  3.624  -2.875  1.00 0.00 ? 7 GLU A HB2  3 
ATOM 344 H HB3  . GLU A 1 7 ? -2.871  2.221  -2.092  1.00 0.00 ? 7 GLU A HB3  3 
ATOM 345 H HG2  . GLU A 1 7 ? -4.038  3.959  -0.446  1.00 0.00 ? 7 GLU A HG2  3 
ATOM 346 H HG3  . GLU A 1 7 ? -3.466  5.211  -1.538  1.00 0.00 ? 7 GLU A HG3  3 
ATOM 347 N N    . ARG A 1 8 ? -2.557  1.574  0.636   1.00 0.00 ? 8 ARG A N    3 
ATOM 348 C CA   . ARG A 1 8 ? -2.874  0.891  1.926   1.00 0.00 ? 8 ARG A CA   3 
ATOM 349 C C    . ARG A 1 8 ? -3.540  -0.506 1.691   1.00 0.00 ? 8 ARG A C    3 
ATOM 350 O O    . ARG A 1 8 ? -4.702  -0.720 2.053   1.00 0.00 ? 8 ARG A O    3 
ATOM 351 C CB   . ARG A 1 8 ? -3.656  1.822  2.910   1.00 0.00 ? 8 ARG A CB   3 
ATOM 352 C CG   . ARG A 1 8 ? -5.020  2.396  2.433   1.00 0.00 ? 8 ARG A CG   3 
ATOM 353 C CD   . ARG A 1 8 ? -5.604  3.503  3.335   1.00 0.00 ? 8 ARG A CD   3 
ATOM 354 N NE   . ARG A 1 8 ? -4.850  4.778  3.210   1.00 0.00 ? 8 ARG A NE   3 
ATOM 355 C CZ   . ARG A 1 8 ? -5.137  5.905  3.887   1.00 0.00 ? 8 ARG A CZ   3 
ATOM 356 N NH1  . ARG A 1 8 ? -6.140  6.017  4.753   1.00 0.00 ? 8 ARG A NH1  3 
ATOM 357 N NH2  . ARG A 1 8 ? -4.377  6.963  3.678   1.00 0.00 ? 8 ARG A NH2  3 
ATOM 358 H H    . ARG A 1 8 ? -3.060  1.332  -0.224  1.00 0.00 ? 8 ARG A H    3 
ATOM 359 H HA   . ARG A 1 8 ? -1.916  0.676  2.440   1.00 0.00 ? 8 ARG A HA   3 
ATOM 360 H HB2  . ARG A 1 8 ? -3.812  1.286  3.866   1.00 0.00 ? 8 ARG A HB2  3 
ATOM 361 H HB3  . ARG A 1 8 ? -2.993  2.662  3.184   1.00 0.00 ? 8 ARG A HB3  3 
ATOM 362 H HG2  . ARG A 1 8 ? -4.942  2.772  1.396   1.00 0.00 ? 8 ARG A HG2  3 
ATOM 363 H HG3  . ARG A 1 8 ? -5.754  1.573  2.375   1.00 0.00 ? 8 ARG A HG3  3 
ATOM 364 H HD2  . ARG A 1 8 ? -6.659  3.675  3.049   1.00 0.00 ? 8 ARG A HD2  3 
ATOM 365 H HD3  . ARG A 1 8 ? -5.624  3.164  4.388   1.00 0.00 ? 8 ARG A HD3  3 
ATOM 366 H HE   . ARG A 1 8 ? -4.042  4.858  2.580   1.00 0.00 ? 8 ARG A HE   3 
ATOM 367 H HH11 . ARG A 1 8 ? -6.717  5.182  4.898   1.00 0.00 ? 8 ARG A HH11 3 
ATOM 368 H HH12 . ARG A 1 8 ? -6.257  6.931  5.207   1.00 0.00 ? 8 ARG A HH12 3 
ATOM 369 H HH21 . ARG A 1 8 ? -3.609  6.852  3.005   1.00 0.00 ? 8 ARG A HH21 3 
ATOM 370 H HH22 . ARG A 1 8 ? -4.612  7.811  4.204   1.00 0.00 ? 8 ARG A HH22 3 
ATOM 371 N N    . ALA A 1 9 ? -2.806  -1.474 1.092   1.00 0.00 ? 9 ALA A N    3 
ATOM 372 C CA   . ALA A 1 9 ? -3.334  -2.842 0.833   1.00 0.00 ? 9 ALA A CA   3 
ATOM 373 C C    . ALA A 1 9 ? -2.152  -3.813 0.631   1.00 0.00 ? 9 ALA A C    3 
ATOM 374 O O    . ALA A 1 9 ? -1.724  -4.442 1.625   1.00 0.00 ? 9 ALA A O    3 
ATOM 375 C CB   . ALA A 1 9 ? -4.333  -2.880 -0.345  1.00 0.00 ? 9 ALA A CB   3 
ATOM 376 O OXT  . ALA A 1 9 ? -1.636  -3.947 -0.503  1.00 0.00 ? 9 ALA A OXT  3 
ATOM 377 H H    . ALA A 1 9 ? -1.859  -1.193 0.819   1.00 0.00 ? 9 ALA A H    3 
ATOM 378 H HA   . ALA A 1 9 ? -3.882  -3.186 1.734   1.00 0.00 ? 9 ALA A HA   3 
ATOM 379 H HB1  . ALA A 1 9 ? -4.754  -3.891 -0.487  1.00 0.00 ? 9 ALA A HB1  3 
ATOM 380 H HB2  . ALA A 1 9 ? -5.193  -2.203 -0.178  1.00 0.00 ? 9 ALA A HB2  3 
ATOM 381 H HB3  . ALA A 1 9 ? -3.866  -2.585 -1.300  1.00 0.00 ? 9 ALA A HB3  3 
ATOM 382 N N    . CYS A 1 1 ? -0.651  3.369  3.020   1.00 0.00 ? 1 CYS A N    4 
ATOM 383 C CA   . CYS A 1 1 ? -0.835  1.953  2.644   1.00 0.00 ? 1 CYS A CA   4 
ATOM 384 C C    . CYS A 1 1 ? 0.490   1.387  2.073   1.00 0.00 ? 1 CYS A C    4 
ATOM 385 O O    . CYS A 1 1 ? 0.949   1.822  1.012   1.00 0.00 ? 1 CYS A O    4 
ATOM 386 C CB   . CYS A 1 1 ? -2.011  1.823  1.652   1.00 0.00 ? 1 CYS A CB   4 
ATOM 387 S SG   . CYS A 1 1 ? -2.331  0.069  1.255   1.00 0.00 ? 1 CYS A SG   4 
ATOM 388 H H1   . CYS A 1 1 ? -1.502  3.766  3.432   1.00 0.00 ? 1 CYS A H1   4 
ATOM 389 H H2   . CYS A 1 1 ? 0.102   3.483  3.707   1.00 0.00 ? 1 CYS A H2   4 
ATOM 390 H H3   . CYS A 1 1 ? -0.410  3.947  2.206   1.00 0.00 ? 1 CYS A H3   4 
ATOM 391 H HA   . CYS A 1 1 ? -1.121  1.404  3.564   1.00 0.00 ? 1 CYS A HA   4 
ATOM 392 H HB2  . CYS A 1 1 ? -2.937  2.250  2.083   1.00 0.00 ? 1 CYS A HB2  4 
ATOM 393 H HB3  . CYS A 1 1 ? -1.821  2.376  0.713   1.00 0.00 ? 1 CYS A HB3  4 
ATOM 394 H HG   . CYS A 1 1 ? -1.314  -0.099 0.411   1.00 0.00 ? 1 CYS A HG   4 
ATOM 395 N N    . GLY A 1 2 ? 1.092   0.409  2.780   1.00 0.00 ? 2 GLY A N    4 
ATOM 396 C CA   . GLY A 1 2 ? 2.356   -0.231 2.343   1.00 0.00 ? 2 GLY A CA   4 
ATOM 397 C C    . GLY A 1 2 ? 2.084   -1.481 1.486   1.00 0.00 ? 2 GLY A C    4 
ATOM 398 O O    . GLY A 1 2 ? 1.710   -1.343 0.310   1.00 0.00 ? 2 GLY A O    4 
ATOM 399 H H    . GLY A 1 2 ? 0.612   0.133  3.643   1.00 0.00 ? 2 GLY A H    4 
ATOM 400 H HA2  . GLY A 1 2 ? 2.985   0.477  1.765   1.00 0.00 ? 2 GLY A HA2  4 
ATOM 401 H HA3  . GLY A 1 2 ? 2.962   -0.474 3.235   1.00 0.00 ? 2 GLY A HA3  4 
ATOM 402 N N    . GLY A 1 3 ? 2.297   -2.702 2.037   1.00 0.00 ? 3 GLY A N    4 
ATOM 403 C CA   . GLY A 1 3 ? 2.032   -3.934 1.252   1.00 0.00 ? 3 GLY A CA   4 
ATOM 404 C C    . GLY A 1 3 ? 2.955   -4.077 0.031   1.00 0.00 ? 3 GLY A C    4 
ATOM 405 O O    . GLY A 1 3 ? 4.122   -3.668 0.019   1.00 0.00 ? 3 GLY A O    4 
ATOM 406 H H    . GLY A 1 3 ? 2.600   -2.723 3.017   1.00 0.00 ? 3 GLY A H    4 
ATOM 407 H HA2  . GLY A 1 3 ? 2.159   -4.820 1.891   1.00 0.00 ? 3 GLY A HA2  4 
ATOM 408 H HA3  . GLY A 1 3 ? 0.965   -3.925 0.942   1.00 0.00 ? 3 GLY A HA3  4 
ATOM 409 N N    . ILE A 1 4 ? 2.368   -4.699 -0.987  1.00 0.00 ? 4 ILE A N    4 
ATOM 410 C CA   . ILE A 1 4 ? 3.014   -4.842 -2.324  1.00 0.00 ? 4 ILE A CA   4 
ATOM 411 C C    . ILE A 1 4 ? 2.210   -3.908 -3.332  1.00 0.00 ? 4 ILE A C    4 
ATOM 412 O O    . ILE A 1 4 ? 2.099   -4.213 -4.523  1.00 0.00 ? 4 ILE A O    4 
ATOM 413 C CB   . ILE A 1 4 ? 3.175   -6.368 -2.675  1.00 0.00 ? 4 ILE A CB   4 
ATOM 414 C CG1  . ILE A 1 4 ? 4.388   -6.710 -3.588  1.00 0.00 ? 4 ILE A CG1  4 
ATOM 415 C CG2  . ILE A 1 4 ? 1.879   -7.090 -3.125  1.00 0.00 ? 4 ILE A CG2  4 
ATOM 416 C CD1  . ILE A 1 4 ? 4.389   -6.192 -5.034  1.00 0.00 ? 4 ILE A CD1  4 
ATOM 417 H H    . ILE A 1 4 ? 1.403   -5.001 -0.816  1.00 0.00 ? 4 ILE A H    4 
ATOM 418 H HA   . ILE A 1 4 ? 4.037   -4.414 -2.297  1.00 0.00 ? 4 ILE A HA   4 
ATOM 419 H HB   . ILE A 1 4 ? 3.450   -6.872 -1.727  1.00 0.00 ? 4 ILE A HB   4 
ATOM 420 H HG12 . ILE A 1 4 ? 5.314   -6.357 -3.097  1.00 0.00 ? 4 ILE A HG12 4 
ATOM 421 H HG13 . ILE A 1 4 ? 4.505   -7.810 -3.622  1.00 0.00 ? 4 ILE A HG13 4 
ATOM 422 H HG21 . ILE A 1 4 ? 1.518   -6.731 -4.107  1.00 0.00 ? 4 ILE A HG21 4 
ATOM 423 H HG22 . ILE A 1 4 ? 2.031   -8.181 -3.217  1.00 0.00 ? 4 ILE A HG22 4 
ATOM 424 H HG23 . ILE A 1 4 ? 1.057   -6.941 -2.402  1.00 0.00 ? 4 ILE A HG23 4 
ATOM 425 H HD11 . ILE A 1 4 ? 5.258   -6.581 -5.596  1.00 0.00 ? 4 ILE A HD11 4 
ATOM 426 H HD12 . ILE A 1 4 ? 3.481   -6.500 -5.586  1.00 0.00 ? 4 ILE A HD12 4 
ATOM 427 H HD13 . ILE A 1 4 ? 4.450   -5.089 -5.075  1.00 0.00 ? 4 ILE A HD13 4 
ATOM 428 N N    . ARG A 1 5 ? 1.665   -2.744 -2.858  1.00 0.00 ? 5 ARG A N    4 
ATOM 429 C CA   . ARG A 1 5 ? 0.901   -1.778 -3.688  1.00 0.00 ? 5 ARG A CA   4 
ATOM 430 C C    . ARG A 1 5 ? 0.958   -0.404 -2.943  1.00 0.00 ? 5 ARG A C    4 
ATOM 431 O O    . ARG A 1 5 ? 0.038   -0.080 -2.180  1.00 0.00 ? 5 ARG A O    4 
ATOM 432 C CB   . ARG A 1 5 ? -0.552  -2.288 -3.936  1.00 0.00 ? 5 ARG A CB   4 
ATOM 433 C CG   . ARG A 1 5 ? -1.404  -1.380 -4.856  1.00 0.00 ? 5 ARG A CG   4 
ATOM 434 C CD   . ARG A 1 5 ? -2.854  -1.876 -5.020  1.00 0.00 ? 5 ARG A CD   4 
ATOM 435 N NE   . ARG A 1 5 ? -3.682  -0.914 -5.795  1.00 0.00 ? 5 ARG A NE   4 
ATOM 436 C CZ   . ARG A 1 5 ? -4.390  0.102  -5.258  1.00 0.00 ? 5 ARG A CZ   4 
ATOM 437 N NH1  . ARG A 1 5 ? -4.450  0.365  -3.956  1.00 0.00 ? 5 ARG A NH1  4 
ATOM 438 N NH2  . ARG A 1 5 ? -5.062  0.888  -6.078  1.00 0.00 ? 5 ARG A NH2  4 
ATOM 439 H H    . ARG A 1 5 ? 1.736   -2.633 -1.824  1.00 0.00 ? 5 ARG A H    4 
ATOM 440 H HA   . ARG A 1 5 ? 1.377   -1.695 -4.687  1.00 0.00 ? 5 ARG A HA   4 
ATOM 441 H HB2  . ARG A 1 5 ? -0.515  -3.301 -4.384  1.00 0.00 ? 5 ARG A HB2  4 
ATOM 442 H HB3  . ARG A 1 5 ? -1.069  -2.420 -2.965  1.00 0.00 ? 5 ARG A HB3  4 
ATOM 443 H HG2  . ARG A 1 5 ? -1.417  -0.352 -4.445  1.00 0.00 ? 5 ARG A HG2  4 
ATOM 444 H HG3  . ARG A 1 5 ? -0.920  -1.295 -5.849  1.00 0.00 ? 5 ARG A HG3  4 
ATOM 445 H HD2  . ARG A 1 5 ? -2.854  -2.846 -5.553  1.00 0.00 ? 5 ARG A HD2  4 
ATOM 446 H HD3  . ARG A 1 5 ? -3.312  -2.093 -4.035  1.00 0.00 ? 5 ARG A HD3  4 
ATOM 447 H HE   . ARG A 1 5 ? -3.743  -0.971 -6.817  1.00 0.00 ? 5 ARG A HE   4 
ATOM 448 H HH11 . ARG A 1 5 ? -3.910  -0.252 -3.340  1.00 0.00 ? 5 ARG A HH11 4 
ATOM 449 H HH12 . ARG A 1 5 ? -5.017  1.173  -3.675  1.00 0.00 ? 5 ARG A HH12 4 
ATOM 450 H HH21 . ARG A 1 5 ? -5.000  0.670  -7.080  1.00 0.00 ? 5 ARG A HH21 4 
ATOM 451 H HH22 . ARG A 1 5 ? -5.589  1.656  -5.650  1.00 0.00 ? 5 ARG A HH22 4 
ATOM 452 N N    . GLY A 1 6 ? 2.020   0.408  -3.149  1.00 0.00 ? 6 GLY A N    4 
ATOM 453 C CA   . GLY A 1 6 ? 2.136   1.737  -2.492  1.00 0.00 ? 6 GLY A CA   4 
ATOM 454 C C    . GLY A 1 6 ? 1.653   2.921  -3.363  1.00 0.00 ? 6 GLY A C    4 
ATOM 455 O O    . GLY A 1 6 ? 2.437   3.830  -3.647  1.00 0.00 ? 6 GLY A O    4 
ATOM 456 H H    . GLY A 1 6 ? 2.804   0.027  -3.688  1.00 0.00 ? 6 GLY A H    4 
ATOM 457 H HA2  . GLY A 1 6 ? 1.612   1.761  -1.517  1.00 0.00 ? 6 GLY A HA2  4 
ATOM 458 H HA3  . GLY A 1 6 ? 3.198   1.898  -2.232  1.00 0.00 ? 6 GLY A HA3  4 
ATOM 459 N N    . GLU A 1 7 ? 0.369   2.904  -3.761  1.00 0.00 ? 7 GLU A N    4 
ATOM 460 C CA   . GLU A 1 7 ? -0.250  3.962  -4.602  1.00 0.00 ? 7 GLU A CA   4 
ATOM 461 C C    . GLU A 1 7 ? -1.794  3.813  -4.481  1.00 0.00 ? 7 GLU A C    4 
ATOM 462 O O    . GLU A 1 7 ? -2.356  2.776  -4.857  1.00 0.00 ? 7 GLU A O    4 
ATOM 463 C CB   . GLU A 1 7 ? 0.228   3.880  -6.086  1.00 0.00 ? 7 GLU A CB   4 
ATOM 464 C CG   . GLU A 1 7 ? -0.348  4.927  -7.073  1.00 0.00 ? 7 GLU A CG   4 
ATOM 465 C CD   . GLU A 1 7 ? -0.067  6.390  -6.713  1.00 0.00 ? 7 GLU A CD   4 
ATOM 466 O OE1  . GLU A 1 7 ? 1.037   6.889  -7.022  1.00 0.00 ? 7 GLU A OE1  4 
ATOM 467 O OE2  . GLU A 1 7 ? -0.952  7.044  -6.116  1.00 0.00 ? 7 GLU A OE2  4 
ATOM 468 H H    . GLU A 1 7 ? -0.160  2.078  -3.456  1.00 0.00 ? 7 GLU A H    4 
ATOM 469 H HA   . GLU A 1 7 ? 0.080   4.944  -4.205  1.00 0.00 ? 7 GLU A HA   4 
ATOM 470 H HB2  . GLU A 1 7 ? 1.332   3.955  -6.118  1.00 0.00 ? 7 GLU A HB2  4 
ATOM 471 H HB3  . GLU A 1 7 ? 0.006   2.872  -6.488  1.00 0.00 ? 7 GLU A HB3  4 
ATOM 472 H HG2  . GLU A 1 7 ? 0.058   4.733  -8.083  1.00 0.00 ? 7 GLU A HG2  4 
ATOM 473 H HG3  . GLU A 1 7 ? -1.440  4.784  -7.178  1.00 0.00 ? 7 GLU A HG3  4 
ATOM 474 N N    . ARG A 1 8 ? -2.481  4.856  -3.977  1.00 0.00 ? 8 ARG A N    4 
ATOM 475 C CA   . ARG A 1 8 ? -3.959  4.856  -3.819  1.00 0.00 ? 8 ARG A CA   4 
ATOM 476 C C    . ARG A 1 8 ? -4.409  6.349  -3.799  1.00 0.00 ? 8 ARG A C    4 
ATOM 477 O O    . ARG A 1 8 ? -4.482  6.971  -2.734  1.00 0.00 ? 8 ARG A O    4 
ATOM 478 C CB   . ARG A 1 8 ? -4.384  4.051  -2.555  1.00 0.00 ? 8 ARG A CB   4 
ATOM 479 C CG   . ARG A 1 8 ? -5.904  3.804  -2.438  1.00 0.00 ? 8 ARG A CG   4 
ATOM 480 C CD   . ARG A 1 8 ? -6.275  2.960  -1.204  1.00 0.00 ? 8 ARG A CD   4 
ATOM 481 N NE   . ARG A 1 8 ? -7.740  2.735  -1.147  1.00 0.00 ? 8 ARG A NE   4 
ATOM 482 C CZ   . ARG A 1 8 ? -8.364  2.024  -0.189  1.00 0.00 ? 8 ARG A CZ   4 
ATOM 483 N NH1  . ARG A 1 8 ? -7.741  1.435  0.829   1.00 0.00 ? 8 ARG A NH1  4 
ATOM 484 N NH2  . ARG A 1 8 ? -9.676  1.907  -0.262  1.00 0.00 ? 8 ARG A NH2  4 
ATOM 485 H H    . ARG A 1 8 ? -1.925  5.680  -3.722  1.00 0.00 ? 8 ARG A H    4 
ATOM 486 H HA   . ARG A 1 8 ? -4.414  4.347  -4.694  1.00 0.00 ? 8 ARG A HA   4 
ATOM 487 H HB2  . ARG A 1 8 ? -3.875  3.068  -2.561  1.00 0.00 ? 8 ARG A HB2  4 
ATOM 488 H HB3  . ARG A 1 8 ? -4.012  4.557  -1.642  1.00 0.00 ? 8 ARG A HB3  4 
ATOM 489 H HG2  . ARG A 1 8 ? -6.434  4.775  -2.399  1.00 0.00 ? 8 ARG A HG2  4 
ATOM 490 H HG3  . ARG A 1 8 ? -6.264  3.301  -3.357  1.00 0.00 ? 8 ARG A HG3  4 
ATOM 491 H HD2  . ARG A 1 8 ? -5.746  1.987  -1.238  1.00 0.00 ? 8 ARG A HD2  4 
ATOM 492 H HD3  . ARG A 1 8 ? -5.935  3.471  -0.282  1.00 0.00 ? 8 ARG A HD3  4 
ATOM 493 H HE   . ARG A 1 8 ? -8.367  3.125  -1.857  1.00 0.00 ? 8 ARG A HE   4 
ATOM 494 H HH11 . ARG A 1 8 ? -6.721  1.541  0.866   1.00 0.00 ? 8 ARG A HH11 4 
ATOM 495 H HH12 . ARG A 1 8 ? -8.328  0.923  1.496   1.00 0.00 ? 8 ARG A HH12 4 
ATOM 496 H HH21 . ARG A 1 8 ? -10.137 2.369  -1.053  1.00 0.00 ? 8 ARG A HH21 4 
ATOM 497 H HH22 . ARG A 1 8 ? -10.132 1.361  0.479   1.00 0.00 ? 8 ARG A HH22 4 
ATOM 498 N N    . ALA A 1 9 ? -4.709  6.918  -4.986  1.00 0.00 ? 9 ALA A N    4 
ATOM 499 C CA   . ALA A 1 9 ? -5.139  8.332  -5.118  1.00 0.00 ? 9 ALA A CA   4 
ATOM 500 C C    . ALA A 1 9 ? -5.933  8.501  -6.429  1.00 0.00 ? 9 ALA A C    4 
ATOM 501 O O    . ALA A 1 9 ? -5.357  8.355  -7.533  1.00 0.00 ? 9 ALA A O    4 
ATOM 502 C CB   . ALA A 1 9 ? -3.928  9.291  -5.071  1.00 0.00 ? 9 ALA A CB   4 
ATOM 503 O OXT  . ALA A 1 9 ? -7.150  8.782  -6.356  1.00 0.00 ? 9 ALA A OXT  4 
ATOM 504 H H    . ALA A 1 9 ? -4.522  6.338  -5.812  1.00 0.00 ? 9 ALA A H    4 
ATOM 505 H HA   . ALA A 1 9 ? -5.814  8.593  -4.278  1.00 0.00 ? 9 ALA A HA   4 
ATOM 506 H HB1  . ALA A 1 9 ? -4.240  10.348 -5.169  1.00 0.00 ? 9 ALA A HB1  4 
ATOM 507 H HB2  . ALA A 1 9 ? -3.384  9.210  -4.110  1.00 0.00 ? 9 ALA A HB2  4 
ATOM 508 H HB3  . ALA A 1 9 ? -3.197  9.087  -5.875  1.00 0.00 ? 9 ALA A HB3  4 
ATOM 509 N N    . CYS A 1 1 ? 0.760   1.253  6.309   1.00 0.00 ? 1 CYS A N    5 
ATOM 510 C CA   . CYS A 1 1 ? 0.110   1.400  4.988   1.00 0.00 ? 1 CYS A CA   5 
ATOM 511 C C    . CYS A 1 1 ? 1.174   1.262  3.870   1.00 0.00 ? 1 CYS A C    5 
ATOM 512 O O    . CYS A 1 1 ? 2.055   2.118  3.734   1.00 0.00 ? 1 CYS A O    5 
ATOM 513 C CB   . CYS A 1 1 ? -0.650  2.741  4.926   1.00 0.00 ? 1 CYS A CB   5 
ATOM 514 S SG   . CYS A 1 1 ? -1.519  2.911  3.330   1.00 0.00 ? 1 CYS A SG   5 
ATOM 515 H H1   . CYS A 1 1 ? 1.461   1.985  6.467   1.00 0.00 ? 1 CYS A H1   5 
ATOM 516 H H2   . CYS A 1 1 ? 0.080   1.314  7.073   1.00 0.00 ? 1 CYS A H2   5 
ATOM 517 H H3   . CYS A 1 1 ? 1.236   0.349  6.396   1.00 0.00 ? 1 CYS A H3   5 
ATOM 518 H HA   . CYS A 1 1 ? -0.639  0.593  4.907   1.00 0.00 ? 1 CYS A HA   5 
ATOM 519 H HB2  . CYS A 1 1 ? -1.394  2.819  5.740   1.00 0.00 ? 1 CYS A HB2  5 
ATOM 520 H HB3  . CYS A 1 1 ? 0.037   3.601  5.047   1.00 0.00 ? 1 CYS A HB3  5 
ATOM 521 H HG   . CYS A 1 1 ? -2.465  2.007  3.567   1.00 0.00 ? 1 CYS A HG   5 
ATOM 522 N N    . GLY A 1 2 ? 1.086   0.184  3.069   1.00 0.00 ? 2 GLY A N    5 
ATOM 523 C CA   . GLY A 1 2 ? 2.046   -0.052 1.967   1.00 0.00 ? 2 GLY A CA   5 
ATOM 524 C C    . GLY A 1 2 ? 1.848   -1.427 1.316   1.00 0.00 ? 2 GLY A C    5 
ATOM 525 O O    . GLY A 1 2 ? 1.132   -1.542 0.314   1.00 0.00 ? 2 GLY A O    5 
ATOM 526 H H    . GLY A 1 2 ? 0.305   -0.451 3.264   1.00 0.00 ? 2 GLY A H    5 
ATOM 527 H HA2  . GLY A 1 2 ? 1.917   0.730  1.193   1.00 0.00 ? 2 GLY A HA2  5 
ATOM 528 H HA3  . GLY A 1 2 ? 3.088   0.063  2.323   1.00 0.00 ? 2 GLY A HA3  5 
ATOM 529 N N    . GLY A 1 3 ? 2.515   -2.476 1.841   1.00 0.00 ? 3 GLY A N    5 
ATOM 530 C CA   . GLY A 1 3 ? 2.371   -3.836 1.266   1.00 0.00 ? 3 GLY A CA   5 
ATOM 531 C C    . GLY A 1 3 ? 2.891   -3.963 -0.169  1.00 0.00 ? 3 GLY A C    5 
ATOM 532 O O    . GLY A 1 3 ? 3.834   -3.280 -0.585  1.00 0.00 ? 3 GLY A O    5 
ATOM 533 H H    . GLY A 1 3 ? 3.074   -2.284 2.681   1.00 0.00 ? 3 GLY A H    5 
ATOM 534 H HA2  . GLY A 1 3 ? 2.911   -4.560 1.889   1.00 0.00 ? 3 GLY A HA2  5 
ATOM 535 H HA3  . GLY A 1 3 ? 1.296   -4.115 1.299   1.00 0.00 ? 3 GLY A HA3  5 
ATOM 536 N N    . ILE A 1 4 ? 2.310   -4.931 -0.888  1.00 0.00 ? 4 ILE A N    5 
ATOM 537 C CA   . ILE A 1 4 ? 2.593   -5.135 -2.341  1.00 0.00 ? 4 ILE A CA   5 
ATOM 538 C C    . ILE A 1 4 ? 2.379   -3.860 -3.251  1.00 0.00 ? 4 ILE A C    5 
ATOM 539 O O    . ILE A 1 4 ? 2.924   -3.823 -4.360  1.00 0.00 ? 4 ILE A O    5 
ATOM 540 C CB   . ILE A 1 4 ? 1.865   -6.437 -2.840  1.00 0.00 ? 4 ILE A CB   5 
ATOM 541 C CG1  . ILE A 1 4 ? 2.459   -6.971 -4.176  1.00 0.00 ? 4 ILE A CG1  5 
ATOM 542 C CG2  . ILE A 1 4 ? 0.321   -6.295 -2.920  1.00 0.00 ? 4 ILE A CG2  5 
ATOM 543 C CD1  . ILE A 1 4 ? 2.112   -8.430 -4.521  1.00 0.00 ? 4 ILE A CD1  5 
ATOM 544 H H    . ILE A 1 4 ? 1.455   -5.303 -0.464  1.00 0.00 ? 4 ILE A H    5 
ATOM 545 H HA   . ILE A 1 4 ? 3.678   -5.332 -2.396  1.00 0.00 ? 4 ILE A HA   5 
ATOM 546 H HB   . ILE A 1 4 ? 2.071   -7.223 -2.088  1.00 0.00 ? 4 ILE A HB   5 
ATOM 547 H HG12 . ILE A 1 4 ? 2.158   -6.318 -5.018  1.00 0.00 ? 4 ILE A HG12 5 
ATOM 548 H HG13 . ILE A 1 4 ? 3.564   -6.899 -4.142  1.00 0.00 ? 4 ILE A HG13 5 
ATOM 549 H HG21 . ILE A 1 4 ? -0.172  -7.256 -3.153  1.00 0.00 ? 4 ILE A HG21 5 
ATOM 550 H HG22 . ILE A 1 4 ? -0.112  -5.946 -1.966  1.00 0.00 ? 4 ILE A HG22 5 
ATOM 551 H HG23 . ILE A 1 4 ? 0.012   -5.573 -3.699  1.00 0.00 ? 4 ILE A HG23 5 
ATOM 552 H HD11 . ILE A 1 4 ? 2.618   -8.749 -5.450  1.00 0.00 ? 4 ILE A HD11 5 
ATOM 553 H HD12 . ILE A 1 4 ? 2.428   -9.124 -3.721  1.00 0.00 ? 4 ILE A HD12 5 
ATOM 554 H HD13 . ILE A 1 4 ? 1.028   -8.572 -4.678  1.00 0.00 ? 4 ILE A HD13 5 
ATOM 555 N N    . ARG A 1 5 ? 1.603   -2.842 -2.794  1.00 0.00 ? 5 ARG A N    5 
ATOM 556 C CA   . ARG A 1 5 ? 1.351   -1.605 -3.589  1.00 0.00 ? 5 ARG A CA   5 
ATOM 557 C C    . ARG A 1 5 ? 0.939   -0.447 -2.632  1.00 0.00 ? 5 ARG A C    5 
ATOM 558 O O    . ARG A 1 5 ? 1.795   0.372  -2.281  1.00 0.00 ? 5 ARG A O    5 
ATOM 559 C CB   . ARG A 1 5 ? 0.379   -1.877 -4.785  1.00 0.00 ? 5 ARG A CB   5 
ATOM 560 C CG   . ARG A 1 5 ? 0.218   -0.738 -5.824  1.00 0.00 ? 5 ARG A CG   5 
ATOM 561 C CD   . ARG A 1 5 ? 1.484   -0.328 -6.615  1.00 0.00 ? 5 ARG A CD   5 
ATOM 562 N NE   . ARG A 1 5 ? 2.103   -1.431 -7.399  1.00 0.00 ? 5 ARG A NE   5 
ATOM 563 C CZ   . ARG A 1 5 ? 1.737   -1.801 -8.642  1.00 0.00 ? 5 ARG A CZ   5 
ATOM 564 N NH1  . ARG A 1 5 ? 0.767   -1.217 -9.339  1.00 0.00 ? 5 ARG A NH1  5 
ATOM 565 N NH2  . ARG A 1 5 ? 2.380   -2.809 -9.201  1.00 0.00 ? 5 ARG A NH2  5 
ATOM 566 H H    . ARG A 1 5 ? 1.469   -2.897 -1.760  1.00 0.00 ? 5 ARG A H    5 
ATOM 567 H HA   . ARG A 1 5 ? 2.322   -1.298 -4.028  1.00 0.00 ? 5 ARG A HA   5 
ATOM 568 H HB2  . ARG A 1 5 ? 0.700   -2.785 -5.330  1.00 0.00 ? 5 ARG A HB2  5 
ATOM 569 H HB3  . ARG A 1 5 ? -0.621  -2.143 -4.394  1.00 0.00 ? 5 ARG A HB3  5 
ATOM 570 H HG2  . ARG A 1 5 ? -0.572  -1.029 -6.541  1.00 0.00 ? 5 ARG A HG2  5 
ATOM 571 H HG3  . ARG A 1 5 ? -0.187  0.158  -5.315  1.00 0.00 ? 5 ARG A HG3  5 
ATOM 572 H HD2  . ARG A 1 5 ? 1.250   0.533  -7.272  1.00 0.00 ? 5 ARG A HD2  5 
ATOM 573 H HD3  . ARG A 1 5 ? 2.242   0.069  -5.915  1.00 0.00 ? 5 ARG A HD3  5 
ATOM 574 H HE   . ARG A 1 5 ? 2.866   -1.993 -7.005  1.00 0.00 ? 5 ARG A HE   5 
ATOM 575 H HH11 . ARG A 1 5 ? 0.281   -0.437 -8.883  1.00 0.00 ? 5 ARG A HH11 5 
ATOM 576 H HH12 . ARG A 1 5 ? 0.581   -1.591 -10.275 1.00 0.00 ? 5 ARG A HH12 5 
ATOM 577 H HH21 . ARG A 1 5 ? 3.121   -3.246 -8.643  1.00 0.00 ? 5 ARG A HH21 5 
ATOM 578 H HH22 . ARG A 1 5 ? 2.084   -3.075 -10.146 1.00 0.00 ? 5 ARG A HH22 5 
ATOM 579 N N    . GLY A 1 6 ? -0.339  -0.374 -2.214  1.00 0.00 ? 6 GLY A N    5 
ATOM 580 C CA   . GLY A 1 6 ? -0.827  0.679  -1.294  1.00 0.00 ? 6 GLY A CA   5 
ATOM 581 C C    . GLY A 1 6 ? -2.061  0.187  -0.519  1.00 0.00 ? 6 GLY A C    5 
ATOM 582 O O    . GLY A 1 6 ? -3.190  0.504  -0.901  1.00 0.00 ? 6 GLY A O    5 
ATOM 583 H H    . GLY A 1 6 ? -0.957  -1.100 -2.596  1.00 0.00 ? 6 GLY A H    5 
ATOM 584 H HA2  . GLY A 1 6 ? -0.037  1.008  -0.591  1.00 0.00 ? 6 GLY A HA2  5 
ATOM 585 H HA3  . GLY A 1 6 ? -1.093  1.580  -1.881  1.00 0.00 ? 6 GLY A HA3  5 
ATOM 586 N N    . GLU A 1 7 ? -1.835  -0.580 0.566   1.00 0.00 ? 7 GLU A N    5 
ATOM 587 C CA   . GLU A 1 7 ? -2.927  -1.146 1.410   1.00 0.00 ? 7 GLU A CA   5 
ATOM 588 C C    . GLU A 1 7 ? -2.347  -1.459 2.823   1.00 0.00 ? 7 GLU A C    5 
ATOM 589 O O    . GLU A 1 7 ? -2.469  -0.610 3.710   1.00 0.00 ? 7 GLU A O    5 
ATOM 590 C CB   . GLU A 1 7 ? -3.670  -2.317 0.680   1.00 0.00 ? 7 GLU A CB   5 
ATOM 591 C CG   . GLU A 1 7 ? -4.994  -2.813 1.312   1.00 0.00 ? 7 GLU A CG   5 
ATOM 592 C CD   . GLU A 1 7 ? -4.853  -3.702 2.552   1.00 0.00 ? 7 GLU A CD   5 
ATOM 593 O OE1  . GLU A 1 7 ? -4.326  -4.831 2.433   1.00 0.00 ? 7 GLU A OE1  5 
ATOM 594 O OE2  . GLU A 1 7 ? -5.262  -3.272 3.654   1.00 0.00 ? 7 GLU A OE2  5 
ATOM 595 H H    . GLU A 1 7 ? -0.841  -0.698 0.795   1.00 0.00 ? 7 GLU A H    5 
ATOM 596 H HA   . GLU A 1 7 ? -3.679  -0.346 1.562   1.00 0.00 ? 7 GLU A HA   5 
ATOM 597 H HB2  . GLU A 1 7 ? -3.932  -1.980 -0.342  1.00 0.00 ? 7 GLU A HB2  5 
ATOM 598 H HB3  . GLU A 1 7 ? -2.987  -3.169 0.511   1.00 0.00 ? 7 GLU A HB3  5 
ATOM 599 H HG2  . GLU A 1 7 ? -5.649  -1.952 1.542   1.00 0.00 ? 7 GLU A HG2  5 
ATOM 600 H HG3  . GLU A 1 7 ? -5.552  -3.395 0.555   1.00 0.00 ? 7 GLU A HG3  5 
ATOM 601 N N    . ARG A 1 8 ? -1.716  -2.636 3.050   1.00 0.00 ? 8 ARG A N    5 
ATOM 602 C CA   . ARG A 1 8 ? -1.148  -3.021 4.375   1.00 0.00 ? 8 ARG A CA   5 
ATOM 603 C C    . ARG A 1 8 ? -0.038  -4.106 4.201   1.00 0.00 ? 8 ARG A C    5 
ATOM 604 O O    . ARG A 1 8 ? 1.123   -3.797 4.485   1.00 0.00 ? 8 ARG A O    5 
ATOM 605 C CB   . ARG A 1 8 ? -2.269  -3.383 5.398   1.00 0.00 ? 8 ARG A CB   5 
ATOM 606 C CG   . ARG A 1 8 ? -1.782  -3.697 6.830   1.00 0.00 ? 8 ARG A CG   5 
ATOM 607 C CD   . ARG A 1 8 ? -2.941  -4.035 7.790   1.00 0.00 ? 8 ARG A CD   5 
ATOM 608 N NE   . ARG A 1 8 ? -2.458  -4.371 9.156   1.00 0.00 ? 8 ARG A NE   5 
ATOM 609 C CZ   . ARG A 1 8 ? -2.117  -5.607 9.574   1.00 0.00 ? 8 ARG A CZ   5 
ATOM 610 N NH1  . ARG A 1 8 ? -2.154  -6.692 8.804   1.00 0.00 ? 8 ARG A NH1  5 
ATOM 611 N NH2  . ARG A 1 8 ? -1.718  -5.750 10.824  1.00 0.00 ? 8 ARG A NH2  5 
ATOM 612 H H    . ARG A 1 8 ? -1.785  -3.307 2.277   1.00 0.00 ? 8 ARG A H    5 
ATOM 613 H HA   . ARG A 1 8 ? -0.632  -2.128 4.784   1.00 0.00 ? 8 ARG A HA   5 
ATOM 614 H HB2  . ARG A 1 8 ? -2.986  -2.540 5.464   1.00 0.00 ? 8 ARG A HB2  5 
ATOM 615 H HB3  . ARG A 1 8 ? -2.871  -4.230 5.017   1.00 0.00 ? 8 ARG A HB3  5 
ATOM 616 H HG2  . ARG A 1 8 ? -1.069  -4.545 6.800   1.00 0.00 ? 8 ARG A HG2  5 
ATOM 617 H HG3  . ARG A 1 8 ? -1.207  -2.837 7.223   1.00 0.00 ? 8 ARG A HG3  5 
ATOM 618 H HD2  . ARG A 1 8 ? -3.621  -3.166 7.867   1.00 0.00 ? 8 ARG A HD2  5 
ATOM 619 H HD3  . ARG A 1 8 ? -3.569  -4.850 7.378   1.00 0.00 ? 8 ARG A HD3  5 
ATOM 620 H HE   . ARG A 1 8 ? -2.370  -3.646 9.877   1.00 0.00 ? 8 ARG A HE   5 
ATOM 621 H HH11 . ARG A 1 8 ? -2.467  -6.557 7.836   1.00 0.00 ? 8 ARG A HH11 5 
ATOM 622 H HH12 . ARG A 1 8 ? -1.871  -7.577 9.240   1.00 0.00 ? 8 ARG A HH12 5 
ATOM 623 H HH21 . ARG A 1 8 ? -1.697  -4.901 11.398  1.00 0.00 ? 8 ARG A HH21 5 
ATOM 624 H HH22 . ARG A 1 8 ? -1.464  -6.699 11.119  1.00 0.00 ? 8 ARG A HH22 5 
ATOM 625 N N    . ALA A 1 9 ? -0.349  -5.346 3.747   1.00 0.00 ? 9 ALA A N    5 
ATOM 626 C CA   . ALA A 1 9 ? 0.661   -6.419 3.571   1.00 0.00 ? 9 ALA A CA   5 
ATOM 627 C C    . ALA A 1 9 ? 0.157   -7.398 2.492   1.00 0.00 ? 9 ALA A C    5 
ATOM 628 O O    . ALA A 1 9 ? -0.808  -8.160 2.735   1.00 0.00 ? 9 ALA A O    5 
ATOM 629 C CB   . ALA A 1 9 ? 0.947   -7.136 4.908   1.00 0.00 ? 9 ALA A CB   5 
ATOM 630 O OXT  . ALA A 1 9 ? 0.730   -7.398 1.379   1.00 0.00 ? 9 ALA A OXT  5 
ATOM 631 H H    . ALA A 1 9 ? -1.345  -5.556 3.629   1.00 0.00 ? 9 ALA A H    5 
ATOM 632 H HA   . ALA A 1 9 ? 1.614   -5.983 3.215   1.00 0.00 ? 9 ALA A HA   5 
ATOM 633 H HB1  . ALA A 1 9 ? 1.351   -6.436 5.665   1.00 0.00 ? 9 ALA A HB1  5 
ATOM 634 H HB2  . ALA A 1 9 ? 0.040   -7.596 5.344   1.00 0.00 ? 9 ALA A HB2  5 
ATOM 635 H HB3  . ALA A 1 9 ? 1.698   -7.938 4.788   1.00 0.00 ? 9 ALA A HB3  5 
ATOM 636 N N    . CYS A 1 1 ? 6.071   0.507  2.112   1.00 0.00 ? 1 CYS A N    6 
ATOM 637 C CA   . CYS A 1 1 ? 4.882   1.290  2.510   1.00 0.00 ? 1 CYS A CA   6 
ATOM 638 C C    . CYS A 1 1 ? 3.607   0.711  1.843   1.00 0.00 ? 1 CYS A C    6 
ATOM 639 O O    . CYS A 1 1 ? 3.535   0.595  0.615   1.00 0.00 ? 1 CYS A O    6 
ATOM 640 C CB   . CYS A 1 1 ? 5.090   2.787  2.197   1.00 0.00 ? 1 CYS A CB   6 
ATOM 641 S SG   . CYS A 1 1 ? 5.260   3.106  0.404   1.00 0.00 ? 1 CYS A SG   6 
ATOM 642 H H1   . CYS A 1 1 ? 6.232   0.552  1.099   1.00 0.00 ? 1 CYS A H1   6 
ATOM 643 H H2   . CYS A 1 1 ? 6.922   0.852  2.570   1.00 0.00 ? 1 CYS A H2   6 
ATOM 644 H H3   . CYS A 1 1 ? 5.974   -0.484 2.358   1.00 0.00 ? 1 CYS A H3   6 
ATOM 645 H HA   . CYS A 1 1 ? 4.803   1.200  3.611   1.00 0.00 ? 1 CYS A HA   6 
ATOM 646 H HB2  . CYS A 1 1 ? 4.234   3.376  2.576   1.00 0.00 ? 1 CYS A HB2  6 
ATOM 647 H HB3  . CYS A 1 1 ? 5.979   3.185  2.720   1.00 0.00 ? 1 CYS A HB3  6 
ATOM 648 H HG   . CYS A 1 1 ? 6.500   2.645  0.271   1.00 0.00 ? 1 CYS A HG   6 
ATOM 649 N N    . GLY A 1 2 ? 2.606   0.339  2.664   1.00 0.00 ? 2 GLY A N    6 
ATOM 650 C CA   . GLY A 1 2 ? 1.319   -0.228 2.176   1.00 0.00 ? 2 GLY A CA   6 
ATOM 651 C C    . GLY A 1 2 ? 1.372   -1.559 1.389   1.00 0.00 ? 2 GLY A C    6 
ATOM 652 O O    . GLY A 1 2 ? 0.843   -1.638 0.272   1.00 0.00 ? 2 GLY A O    6 
ATOM 653 H H    . GLY A 1 2 ? 2.785   0.490  3.664   1.00 0.00 ? 2 GLY A H    6 
ATOM 654 H HA2  . GLY A 1 2 ? 0.651   -0.369 3.045   1.00 0.00 ? 2 GLY A HA2  6 
ATOM 655 H HA3  . GLY A 1 2 ? 0.805   0.533  1.558   1.00 0.00 ? 2 GLY A HA3  6 
ATOM 656 N N    . GLY A 1 3 ? 2.011   -2.603 1.958   1.00 0.00 ? 3 GLY A N    6 
ATOM 657 C CA   . GLY A 1 3 ? 2.122   -3.918 1.279   1.00 0.00 ? 3 GLY A CA   6 
ATOM 658 C C    . GLY A 1 3 ? 2.819   -3.870 -0.090  1.00 0.00 ? 3 GLY A C    6 
ATOM 659 O O    . GLY A 1 3 ? 3.666   -3.012 -0.363  1.00 0.00 ? 3 GLY A O    6 
ATOM 660 H H    . GLY A 1 3 ? 2.437   -2.410 2.872   1.00 0.00 ? 3 GLY A H    6 
ATOM 661 H HA2  . GLY A 1 3 ? 2.669   -4.624 1.922   1.00 0.00 ? 3 GLY A HA2  6 
ATOM 662 H HA3  . GLY A 1 3 ? 1.098   -4.328 1.153   1.00 0.00 ? 3 GLY A HA3  6 
ATOM 663 N N    . ILE A 1 4 ? 2.510   -4.880 -0.912  1.00 0.00 ? 4 ILE A N    6 
ATOM 664 C CA   . ILE A 1 4 ? 2.984   -4.945 -2.325  1.00 0.00 ? 4 ILE A CA   6 
ATOM 665 C C    . ILE A 1 4 ? 2.589   -3.724 -3.242  1.00 0.00 ? 4 ILE A C    6 
ATOM 666 O O    . ILE A 1 4 ? 3.116   -3.629 -4.354  1.00 0.00 ? 4 ILE A O    6 
ATOM 667 C CB   . ILE A 1 4 ? 2.668   -6.342 -2.976  1.00 0.00 ? 4 ILE A CB   6 
ATOM 668 C CG1  . ILE A 1 4 ? 1.195   -6.855 -2.941  1.00 0.00 ? 4 ILE A CG1  6 
ATOM 669 C CG2  . ILE A 1 4 ? 3.599   -7.446 -2.416  1.00 0.00 ? 4 ILE A CG2  6 
ATOM 670 C CD1  . ILE A 1 4 ? 0.165   -6.022 -3.716  1.00 0.00 ? 4 ILE A CD1  6 
ATOM 671 H H    . ILE A 1 4 ? 1.674   -5.400 -0.637  1.00 0.00 ? 4 ILE A H    6 
ATOM 672 H HA   . ILE A 1 4 ? 4.085   -4.857 -2.279  1.00 0.00 ? 4 ILE A HA   6 
ATOM 673 H HB   . ILE A 1 4 ? 2.942   -6.265 -4.044  1.00 0.00 ? 4 ILE A HB   6 
ATOM 674 H HG12 . ILE A 1 4 ? 1.158   -7.879 -3.361  1.00 0.00 ? 4 ILE A HG12 6 
ATOM 675 H HG13 . ILE A 1 4 ? 0.854   -6.970 -1.896  1.00 0.00 ? 4 ILE A HG13 6 
ATOM 676 H HG21 . ILE A 1 4 ? 3.475   -8.404 -2.955  1.00 0.00 ? 4 ILE A HG21 6 
ATOM 677 H HG22 . ILE A 1 4 ? 4.666   -7.170 -2.513  1.00 0.00 ? 4 ILE A HG22 6 
ATOM 678 H HG23 . ILE A 1 4 ? 3.410   -7.647 -1.345  1.00 0.00 ? 4 ILE A HG23 6 
ATOM 679 H HD11 . ILE A 1 4 ? -0.815  -6.534 -3.750  1.00 0.00 ? 4 ILE A HD11 6 
ATOM 680 H HD12 . ILE A 1 4 ? -0.008  -5.038 -3.246  1.00 0.00 ? 4 ILE A HD12 6 
ATOM 681 H HD13 . ILE A 1 4 ? 0.478   -5.846 -4.762  1.00 0.00 ? 4 ILE A HD13 6 
ATOM 682 N N    . ARG A 1 5 ? 1.680   -2.813 -2.801  1.00 0.00 ? 5 ARG A N    6 
ATOM 683 C CA   . ARG A 1 5 ? 1.240   -1.650 -3.624  1.00 0.00 ? 5 ARG A CA   6 
ATOM 684 C C    . ARG A 1 5 ? 0.681   -0.539 -2.679  1.00 0.00 ? 5 ARG A C    6 
ATOM 685 O O    . ARG A 1 5 ? -0.490  -0.607 -2.285  1.00 0.00 ? 5 ARG A O    6 
ATOM 686 C CB   . ARG A 1 5 ? 0.193   -2.128 -4.678  1.00 0.00 ? 5 ARG A CB   6 
ATOM 687 C CG   . ARG A 1 5 ? -0.226  -1.061 -5.712  1.00 0.00 ? 5 ARG A CG   6 
ATOM 688 C CD   . ARG A 1 5 ? -1.258  -1.586 -6.727  1.00 0.00 ? 5 ARG A CD   6 
ATOM 689 N NE   . ARG A 1 5 ? -1.657  -0.507 -7.662  1.00 0.00 ? 5 ARG A NE   6 
ATOM 690 C CZ   . ARG A 1 5 ? -2.597  -0.629 -8.617  1.00 0.00 ? 5 ARG A CZ   6 
ATOM 691 N NH1  . ARG A 1 5 ? -3.272  -1.749 -8.859  1.00 0.00 ? 5 ARG A NH1  6 
ATOM 692 N NH2  . ARG A 1 5 ? -2.864  0.430  -9.357  1.00 0.00 ? 5 ARG A NH2  6 
ATOM 693 H H    . ARG A 1 5 ? 1.479   -2.914 -1.781  1.00 0.00 ? 5 ARG A H    6 
ATOM 694 H HA   . ARG A 1 5 ? 2.107   -1.271 -4.205  1.00 0.00 ? 5 ARG A HA   6 
ATOM 695 H HB2  . ARG A 1 5 ? 0.600   -2.995 -5.234  1.00 0.00 ? 5 ARG A HB2  6 
ATOM 696 H HB3  . ARG A 1 5 ? -0.707  -2.518 -4.163  1.00 0.00 ? 5 ARG A HB3  6 
ATOM 697 H HG2  . ARG A 1 5 ? -0.645  -0.187 -5.180  1.00 0.00 ? 5 ARG A HG2  6 
ATOM 698 H HG3  . ARG A 1 5 ? 0.670   -0.686 -6.244  1.00 0.00 ? 5 ARG A HG3  6 
ATOM 699 H HD2  . ARG A 1 5 ? -0.837  -2.439 -7.292  1.00 0.00 ? 5 ARG A HD2  6 
ATOM 700 H HD3  . ARG A 1 5 ? -2.149  -1.971 -6.193  1.00 0.00 ? 5 ARG A HD3  6 
ATOM 701 H HE   . ARG A 1 5 ? -1.232  0.426  -7.608  1.00 0.00 ? 5 ARG A HE   6 
ATOM 702 H HH11 . ARG A 1 5 ? -3.045  -2.557 -8.269  1.00 0.00 ? 5 ARG A HH11 6 
ATOM 703 H HH12 . ARG A 1 5 ? -3.964  -1.715 -9.614  1.00 0.00 ? 5 ARG A HH12 6 
ATOM 704 H HH21 . ARG A 1 5 ? -2.335  1.283  -9.146  1.00 0.00 ? 5 ARG A HH21 6 
ATOM 705 H HH22 . ARG A 1 5 ? -3.585  0.318  -10.079 1.00 0.00 ? 5 ARG A HH22 6 
ATOM 706 N N    . GLY A 1 6 ? 1.489   0.484  -2.321  1.00 0.00 ? 6 GLY A N    6 
ATOM 707 C CA   . GLY A 1 6 ? 1.036   1.580  -1.430  1.00 0.00 ? 6 GLY A CA   6 
ATOM 708 C C    . GLY A 1 6 ? 0.607   2.849  -2.188  1.00 0.00 ? 6 GLY A C    6 
ATOM 709 O O    . GLY A 1 6 ? 1.461   3.668  -2.542  1.00 0.00 ? 6 GLY A O    6 
ATOM 710 H H    . GLY A 1 6 ? 2.477   0.420  -2.585  1.00 0.00 ? 6 GLY A H    6 
ATOM 711 H HA2  . GLY A 1 6 ? 0.252   1.240  -0.724  1.00 0.00 ? 6 GLY A HA2  6 
ATOM 712 H HA3  . GLY A 1 6 ? 1.881   1.855  -0.775  1.00 0.00 ? 6 GLY A HA3  6 
ATOM 713 N N    . GLU A 1 7 ? -0.710  3.020  -2.402  1.00 0.00 ? 7 GLU A N    6 
ATOM 714 C CA   . GLU A 1 7 ? -1.272  4.205  -3.115  1.00 0.00 ? 7 GLU A CA   6 
ATOM 715 C C    . GLU A 1 7 ? -2.749  4.398  -2.650  1.00 0.00 ? 7 GLU A C    6 
ATOM 716 O O    . GLU A 1 7 ? -3.695  3.947  -3.306  1.00 0.00 ? 7 GLU A O    6 
ATOM 717 C CB   . GLU A 1 7 ? -1.071  4.140  -4.662  1.00 0.00 ? 7 GLU A CB   6 
ATOM 718 C CG   . GLU A 1 7 ? -1.622  2.905  -5.416  1.00 0.00 ? 7 GLU A CG   6 
ATOM 719 C CD   . GLU A 1 7 ? -1.231  2.882  -6.895  1.00 0.00 ? 7 GLU A CD   6 
ATOM 720 O OE1  . GLU A 1 7 ? -0.141  2.365  -7.222  1.00 0.00 ? 7 GLU A OE1  6 
ATOM 721 O OE2  . GLU A 1 7 ? -2.018  3.367  -7.736  1.00 0.00 ? 7 GLU A OE2  6 
ATOM 722 H H    . GLU A 1 7 ? -1.301  2.223  -2.142  1.00 0.00 ? 7 GLU A H    6 
ATOM 723 H HA   . GLU A 1 7 ? -0.705  5.103  -2.799  1.00 0.00 ? 7 GLU A HA   6 
ATOM 724 H HB2  . GLU A 1 7 ? -1.496  5.057  -5.112  1.00 0.00 ? 7 GLU A HB2  6 
ATOM 725 H HB3  . GLU A 1 7 ? 0.016   4.215  -4.862  1.00 0.00 ? 7 GLU A HB3  6 
ATOM 726 H HG2  . GLU A 1 7 ? -1.255  1.979  -4.939  1.00 0.00 ? 7 GLU A HG2  6 
ATOM 727 H HG3  . GLU A 1 7 ? -2.723  2.858  -5.338  1.00 0.00 ? 7 GLU A HG3  6 
ATOM 728 N N    . ARG A 1 8 ? -2.944  5.067  -1.493  1.00 0.00 ? 8 ARG A N    6 
ATOM 729 C CA   . ARG A 1 8 ? -4.289  5.315  -0.899  1.00 0.00 ? 8 ARG A CA   6 
ATOM 730 C C    . ARG A 1 8 ? -4.172  6.409  0.205   1.00 0.00 ? 8 ARG A C    6 
ATOM 731 O O    . ARG A 1 8 ? -3.335  6.294  1.107   1.00 0.00 ? 8 ARG A O    6 
ATOM 732 C CB   . ARG A 1 8 ? -4.978  4.019  -0.364  1.00 0.00 ? 8 ARG A CB   6 
ATOM 733 C CG   . ARG A 1 8 ? -4.161  3.119  0.598   1.00 0.00 ? 8 ARG A CG   6 
ATOM 734 C CD   . ARG A 1 8 ? -4.843  1.767  0.891   1.00 0.00 ? 8 ARG A CD   6 
ATOM 735 N NE   . ARG A 1 8 ? -3.920  0.796  1.536   1.00 0.00 ? 8 ARG A NE   6 
ATOM 736 C CZ   . ARG A 1 8 ? -3.057  -0.002 0.873   1.00 0.00 ? 8 ARG A CZ   6 
ATOM 737 N NH1  . ARG A 1 8 ? -2.916  -0.009 -0.451  1.00 0.00 ? 8 ARG A NH1  6 
ATOM 738 N NH2  . ARG A 1 8 ? -2.303  -0.825 1.575   1.00 0.00 ? 8 ARG A NH2  6 
ATOM 739 H H    . ARG A 1 8 ? -2.093  5.374  -1.009  1.00 0.00 ? 8 ARG A H    6 
ATOM 740 H HA   . ARG A 1 8 ? -4.935  5.693  -1.719  1.00 0.00 ? 8 ARG A HA   6 
ATOM 741 H HB2  . ARG A 1 8 ? -5.941  4.285  0.112   1.00 0.00 ? 8 ARG A HB2  6 
ATOM 742 H HB3  . ARG A 1 8 ? -5.270  3.413  -1.243  1.00 0.00 ? 8 ARG A HB3  6 
ATOM 743 H HG2  . ARG A 1 8 ? -3.165  2.935  0.150   1.00 0.00 ? 8 ARG A HG2  6 
ATOM 744 H HG3  . ARG A 1 8 ? -3.960  3.655  1.545   1.00 0.00 ? 8 ARG A HG3  6 
ATOM 745 H HD2  . ARG A 1 8 ? -5.714  1.928  1.554   1.00 0.00 ? 8 ARG A HD2  6 
ATOM 746 H HD3  . ARG A 1 8 ? -5.271  1.329  -0.034  1.00 0.00 ? 8 ARG A HD3  6 
ATOM 747 H HE   . ARG A 1 8 ? -3.901  0.678  2.555   1.00 0.00 ? 8 ARG A HE   6 
ATOM 748 H HH11 . ARG A 1 8 ? -3.511  0.642  -0.977  1.00 0.00 ? 8 ARG A HH11 6 
ATOM 749 H HH12 . ARG A 1 8 ? -2.218  -0.653 -0.840  1.00 0.00 ? 8 ARG A HH12 6 
ATOM 750 H HH21 . ARG A 1 8 ? -2.427  -0.809 2.593   1.00 0.00 ? 8 ARG A HH21 6 
ATOM 751 H HH22 . ARG A 1 8 ? -1.655  -1.419 1.045   1.00 0.00 ? 8 ARG A HH22 6 
ATOM 752 N N    . ALA A 1 9 ? -5.020  7.463  0.139   1.00 0.00 ? 9 ALA A N    6 
ATOM 753 C CA   . ALA A 1 9 ? -5.040  8.592  1.117   1.00 0.00 ? 9 ALA A CA   6 
ATOM 754 C C    . ALA A 1 9 ? -3.766  9.472  1.065   1.00 0.00 ? 9 ALA A C    6 
ATOM 755 O O    . ALA A 1 9 ? -3.789  10.518 0.379   1.00 0.00 ? 9 ALA A O    6 
ATOM 756 C CB   . ALA A 1 9 ? -5.439  8.160  2.545   1.00 0.00 ? 9 ALA A CB   6 
ATOM 757 O OXT  . ALA A 1 9 ? -2.743  9.124  1.699   1.00 0.00 ? 9 ALA A OXT  6 
ATOM 758 H H    . ALA A 1 9 ? -5.694  7.427  -0.634  1.00 0.00 ? 9 ALA A H    6 
ATOM 759 H HA   . ALA A 1 9 ? -5.866  9.253  0.791   1.00 0.00 ? 9 ALA A HA   6 
ATOM 760 H HB1  . ALA A 1 9 ? -5.575  9.033  3.212   1.00 0.00 ? 9 ALA A HB1  6 
ATOM 761 H HB2  . ALA A 1 9 ? -6.395  7.603  2.551   1.00 0.00 ? 9 ALA A HB2  6 
ATOM 762 H HB3  . ALA A 1 9 ? -4.678  7.509  3.016   1.00 0.00 ? 9 ALA A HB3  6 
ATOM 763 N N    . CYS A 1 1 ? -1.474  2.452  3.919   1.00 0.00 ? 1 CYS A N    7 
ATOM 764 C CA   . CYS A 1 1 ? -1.104  1.021  3.877   1.00 0.00 ? 1 CYS A CA   7 
ATOM 765 C C    . CYS A 1 1 ? -0.105  0.771  2.717   1.00 0.00 ? 1 CYS A C    7 
ATOM 766 O O    . CYS A 1 1 ? -0.416  1.040  1.551   1.00 0.00 ? 1 CYS A O    7 
ATOM 767 C CB   . CYS A 1 1 ? -2.376  0.156  3.755   1.00 0.00 ? 1 CYS A CB   7 
ATOM 768 S SG   . CYS A 1 1 ? -1.946  -1.610 3.904   1.00 0.00 ? 1 CYS A SG   7 
ATOM 769 H H1   . CYS A 1 1 ? -0.652  3.051  4.042   1.00 0.00 ? 1 CYS A H1   7 
ATOM 770 H H2   . CYS A 1 1 ? -1.939  2.747  3.053   1.00 0.00 ? 1 CYS A H2   7 
ATOM 771 H H3   . CYS A 1 1 ? -2.117  2.653  4.692   1.00 0.00 ? 1 CYS A H3   7 
ATOM 772 H HA   . CYS A 1 1 ? -0.633  0.781  4.849   1.00 0.00 ? 1 CYS A HA   7 
ATOM 773 H HB2  . CYS A 1 1 ? -3.104  0.401  4.553   1.00 0.00 ? 1 CYS A HB2  7 
ATOM 774 H HB3  . CYS A 1 1 ? -2.896  0.326  2.793   1.00 0.00 ? 1 CYS A HB3  7 
ATOM 775 H HG   . CYS A 1 1 ? -3.173  -2.077 3.696   1.00 0.00 ? 1 CYS A HG   7 
ATOM 776 N N    . GLY A 1 2 ? 1.086   0.233  3.043   1.00 0.00 ? 2 GLY A N    7 
ATOM 777 C CA   . GLY A 1 2 ? 2.138   -0.059 2.037   1.00 0.00 ? 2 GLY A CA   7 
ATOM 778 C C    . GLY A 1 2 ? 1.940   -1.411 1.327   1.00 0.00 ? 2 GLY A C    7 
ATOM 779 O O    . GLY A 1 2 ? 1.340   -1.451 0.245   1.00 0.00 ? 2 GLY A O    7 
ATOM 780 H H    . GLY A 1 2 ? 1.225   0.050  4.043   1.00 0.00 ? 2 GLY A H    7 
ATOM 781 H HA2  . GLY A 1 2 ? 2.185   0.747  1.278   1.00 0.00 ? 2 GLY A HA2  7 
ATOM 782 H HA3  . GLY A 1 2 ? 3.127   -0.025 2.533   1.00 0.00 ? 2 GLY A HA3  7 
ATOM 783 N N    . GLY A 1 3 ? 2.469   -2.518 1.893   1.00 0.00 ? 3 GLY A N    7 
ATOM 784 C CA   . GLY A 1 3 ? 2.304   -3.857 1.270   1.00 0.00 ? 3 GLY A CA   7 
ATOM 785 C C    . GLY A 1 3 ? 2.867   -3.981 -0.154  1.00 0.00 ? 3 GLY A C    7 
ATOM 786 O O    . GLY A 1 3 ? 3.830   -3.307 -0.535  1.00 0.00 ? 3 GLY A O    7 
ATOM 787 H H    . GLY A 1 3 ? 2.954   -2.379 2.787   1.00 0.00 ? 3 GLY A H    7 
ATOM 788 H HA2  . GLY A 1 3 ? 2.787   -4.621 1.897   1.00 0.00 ? 3 GLY A HA2  7 
ATOM 789 H HA3  . GLY A 1 3 ? 1.221   -4.095 1.255   1.00 0.00 ? 3 GLY A HA3  7 
ATOM 790 N N    . ILE A 1 4 ? 2.291   -4.929 -0.905  1.00 0.00 ? 4 ILE A N    7 
ATOM 791 C CA   . ILE A 1 4 ? 2.613   -5.120 -2.351  1.00 0.00 ? 4 ILE A CA   7 
ATOM 792 C C    . ILE A 1 4 ? 2.443   -3.837 -3.251  1.00 0.00 ? 4 ILE A C    7 
ATOM 793 O O    . ILE A 1 4 ? 3.031   -3.790 -4.336  1.00 0.00 ? 4 ILE A O    7 
ATOM 794 C CB   . ILE A 1 4 ? 1.870   -6.365 -2.952  1.00 0.00 ? 4 ILE A CB   7 
ATOM 795 C CG1  . ILE A 1 4 ? 0.312   -6.292 -2.890  1.00 0.00 ? 4 ILE A CG1  7 
ATOM 796 C CG2  . ILE A 1 4 ? 2.408   -7.697 -2.368  1.00 0.00 ? 4 ILE A CG2  7 
ATOM 797 C CD1  . ILE A 1 4 ? -0.432  -7.253 -3.831  1.00 0.00 ? 4 ILE A CD1  7 
ATOM 798 H H    . ILE A 1 4 ? 1.430   -5.318 -0.517  1.00 0.00 ? 4 ILE A H    7 
ATOM 799 H HA   . ILE A 1 4 ? 3.696   -5.331 -2.398  1.00 0.00 ? 4 ILE A HA   7 
ATOM 800 H HB   . ILE A 1 4 ? 2.144   -6.389 -4.023  1.00 0.00 ? 4 ILE A HB   7 
ATOM 801 H HG12 . ILE A 1 4 ? -0.034  -6.453 -1.852  1.00 0.00 ? 4 ILE A HG12 7 
ATOM 802 H HG13 . ILE A 1 4 ? -0.018  -5.268 -3.143  1.00 0.00 ? 4 ILE A HG13 7 
ATOM 803 H HG21 . ILE A 1 4 ? 3.509   -7.766 -2.453  1.00 0.00 ? 4 ILE A HG21 7 
ATOM 804 H HG22 . ILE A 1 4 ? 2.156   -7.813 -1.297  1.00 0.00 ? 4 ILE A HG22 7 
ATOM 805 H HG23 . ILE A 1 4 ? 1.999   -8.578 -2.897  1.00 0.00 ? 4 ILE A HG23 7 
ATOM 806 H HD11 . ILE A 1 4 ? -1.526  -7.101 -3.768  1.00 0.00 ? 4 ILE A HD11 7 
ATOM 807 H HD12 . ILE A 1 4 ? -0.141  -7.098 -4.886  1.00 0.00 ? 4 ILE A HD12 7 
ATOM 808 H HD13 . ILE A 1 4 ? -0.238  -8.312 -3.582  1.00 0.00 ? 4 ILE A HD13 7 
ATOM 809 N N    . ARG A 1 5 ? 1.639   -2.834 -2.818  1.00 0.00 ? 5 ARG A N    7 
ATOM 810 C CA   . ARG A 1 5 ? 1.410   -1.581 -3.596  1.00 0.00 ? 5 ARG A CA   7 
ATOM 811 C C    . ARG A 1 5 ? 0.732   -0.497 -2.700  1.00 0.00 ? 5 ARG A C    7 
ATOM 812 O O    . ARG A 1 5 ? -0.235  -0.815 -1.997  1.00 0.00 ? 5 ARG A O    7 
ATOM 813 C CB   . ARG A 1 5 ? 0.592   -1.790 -4.912  1.00 0.00 ? 5 ARG A CB   7 
ATOM 814 C CG   . ARG A 1 5 ? -0.875  -2.276 -4.780  1.00 0.00 ? 5 ARG A CG   7 
ATOM 815 C CD   . ARG A 1 5 ? -1.589  -2.396 -6.137  1.00 0.00 ? 5 ARG A CD   7 
ATOM 816 N NE   . ARG A 1 5 ? -3.009  -2.780 -5.945  1.00 0.00 ? 5 ARG A NE   7 
ATOM 817 C CZ   . ARG A 1 5 ? -3.907  -2.902 -6.938  1.00 0.00 ? 5 ARG A CZ   7 
ATOM 818 N NH1  . ARG A 1 5 ? -3.626  -2.712 -8.225  1.00 0.00 ? 5 ARG A NH1  7 
ATOM 819 N NH2  . ARG A 1 5 ? -5.145  -3.230 -6.618  1.00 0.00 ? 5 ARG A NH2  7 
ATOM 820 H H    . ARG A 1 5 ? 1.489   -2.895 -1.787  1.00 0.00 ? 5 ARG A H    7 
ATOM 821 H HA   . ARG A 1 5 ? 2.417   -1.234 -3.906  1.00 0.00 ? 5 ARG A HA   7 
ATOM 822 H HB2  . ARG A 1 5 ? 0.596   -0.835 -5.472  1.00 0.00 ? 5 ARG A HB2  7 
ATOM 823 H HB3  . ARG A 1 5 ? 1.142   -2.489 -5.568  1.00 0.00 ? 5 ARG A HB3  7 
ATOM 824 H HG2  . ARG A 1 5 ? -0.894  -3.250 -4.254  1.00 0.00 ? 5 ARG A HG2  7 
ATOM 825 H HG3  . ARG A 1 5 ? -1.440  -1.576 -4.137  1.00 0.00 ? 5 ARG A HG3  7 
ATOM 826 H HD2  . ARG A 1 5 ? -1.533  -1.431 -6.678  1.00 0.00 ? 5 ARG A HD2  7 
ATOM 827 H HD3  . ARG A 1 5 ? -1.076  -3.144 -6.774  1.00 0.00 ? 5 ARG A HD3  7 
ATOM 828 H HE   . ARG A 1 5 ? -3.389  -2.956 -5.008  1.00 0.00 ? 5 ARG A HE   7 
ATOM 829 H HH11 . ARG A 1 5 ? -2.658  -2.459 -8.449  1.00 0.00 ? 5 ARG A HH11 7 
ATOM 830 H HH12 . ARG A 1 5 ? -4.397  -2.836 -8.889  1.00 0.00 ? 5 ARG A HH12 7 
ATOM 831 H HH21 . ARG A 1 5 ? -5.339  -3.371 -5.620  1.00 0.00 ? 5 ARG A HH21 7 
ATOM 832 H HH22 . ARG A 1 5 ? -5.812  -3.319 -7.391  1.00 0.00 ? 5 ARG A HH22 7 
ATOM 833 N N    . GLY A 1 6 ? 1.171   0.781  -2.744  1.00 0.00 ? 6 GLY A N    7 
ATOM 834 C CA   . GLY A 1 6 ? 0.545   1.855  -1.926  1.00 0.00 ? 6 GLY A CA   7 
ATOM 835 C C    . GLY A 1 6 ? -0.655  2.559  -2.604  1.00 0.00 ? 6 GLY A C    7 
ATOM 836 O O    . GLY A 1 6 ? -0.599  3.764  -2.857  1.00 0.00 ? 6 GLY A O    7 
ATOM 837 H H    . GLY A 1 6 ? 1.914   1.014  -3.413  1.00 0.00 ? 6 GLY A H    7 
ATOM 838 H HA2  . GLY A 1 6 ? 0.241   1.474  -0.932  1.00 0.00 ? 6 GLY A HA2  7 
ATOM 839 H HA3  . GLY A 1 6 ? 1.319   2.611  -1.701  1.00 0.00 ? 6 GLY A HA3  7 
ATOM 840 N N    . GLU A 1 7 ? -1.731  1.797  -2.877  1.00 0.00 ? 7 GLU A N    7 
ATOM 841 C CA   . GLU A 1 7 ? -2.966  2.308  -3.525  1.00 0.00 ? 7 GLU A CA   7 
ATOM 842 C C    . GLU A 1 7 ? -4.085  1.278  -3.196  1.00 0.00 ? 7 GLU A C    7 
ATOM 843 O O    . GLU A 1 7 ? -4.066  0.153  -3.712  1.00 0.00 ? 7 GLU A O    7 
ATOM 844 C CB   . GLU A 1 7 ? -2.774  2.504  -5.062  1.00 0.00 ? 7 GLU A CB   7 
ATOM 845 C CG   . GLU A 1 7 ? -3.890  3.282  -5.806  1.00 0.00 ? 7 GLU A CG   7 
ATOM 846 C CD   . GLU A 1 7 ? -5.206  2.523  -6.021  1.00 0.00 ? 7 GLU A CD   7 
ATOM 847 O OE1  . GLU A 1 7 ? -5.233  1.572  -6.833  1.00 0.00 ? 7 GLU A OE1  7 
ATOM 848 O OE2  . GLU A 1 7 ? -6.219  2.872  -5.373  1.00 0.00 ? 7 GLU A OE2  7 
ATOM 849 H H    . GLU A 1 7 ? -1.620  0.809  -2.625  1.00 0.00 ? 7 GLU A H    7 
ATOM 850 H HA   . GLU A 1 7 ? -3.202  3.301  -3.093  1.00 0.00 ? 7 GLU A HA   7 
ATOM 851 H HB2  . GLU A 1 7 ? -1.837  3.068  -5.229  1.00 0.00 ? 7 GLU A HB2  7 
ATOM 852 H HB3  . GLU A 1 7 ? -2.596  1.529  -5.560  1.00 0.00 ? 7 GLU A HB3  7 
ATOM 853 H HG2  . GLU A 1 7 ? -4.092  4.237  -5.289  1.00 0.00 ? 7 GLU A HG2  7 
ATOM 854 H HG3  . GLU A 1 7 ? -3.513  3.575  -6.803  1.00 0.00 ? 7 GLU A HG3  7 
ATOM 855 N N    . ARG A 1 8 ? -5.070  1.669  -2.363  1.00 0.00 ? 8 ARG A N    7 
ATOM 856 C CA   . ARG A 1 8 ? -6.205  0.788  -1.970  1.00 0.00 ? 8 ARG A CA   7 
ATOM 857 C C    . ARG A 1 8 ? -7.411  1.729  -1.671  1.00 0.00 ? 8 ARG A C    7 
ATOM 858 O O    . ARG A 1 8 ? -7.646  2.126  -0.524  1.00 0.00 ? 8 ARG A O    7 
ATOM 859 C CB   . ARG A 1 8 ? -5.875  -0.126 -0.747  1.00 0.00 ? 8 ARG A CB   7 
ATOM 860 C CG   . ARG A 1 8 ? -4.840  -1.245 -1.003  1.00 0.00 ? 8 ARG A CG   7 
ATOM 861 C CD   . ARG A 1 8 ? -4.612  -2.173 0.208   1.00 0.00 ? 8 ARG A CD   7 
ATOM 862 N NE   . ARG A 1 8 ? -3.544  -3.171 -0.066  1.00 0.00 ? 8 ARG A NE   7 
ATOM 863 C CZ   . ARG A 1 8 ? -2.222  -2.943 0.077   1.00 0.00 ? 8 ARG A CZ   7 
ATOM 864 N NH1  . ARG A 1 8 ? -1.714  -1.808 0.546   1.00 0.00 ? 8 ARG A NH1  7 
ATOM 865 N NH2  . ARG A 1 8 ? -1.382  -3.895 -0.277  1.00 0.00 ? 8 ARG A NH2  7 
ATOM 866 H H    . ARG A 1 8 ? -4.990  2.622  -1.990  1.00 0.00 ? 8 ARG A H    7 
ATOM 867 H HA   . ARG A 1 8 ? -6.475  0.118  -2.812  1.00 0.00 ? 8 ARG A HA   7 
ATOM 868 H HB2  . ARG A 1 8 ? -5.539  0.496  0.105   1.00 0.00 ? 8 ARG A HB2  7 
ATOM 869 H HB3  . ARG A 1 8 ? -6.812  -0.603 -0.400  1.00 0.00 ? 8 ARG A HB3  7 
ATOM 870 H HG2  . ARG A 1 8 ? -5.150  -1.843 -1.880  1.00 0.00 ? 8 ARG A HG2  7 
ATOM 871 H HG3  . ARG A 1 8 ? -3.876  -0.782 -1.284  1.00 0.00 ? 8 ARG A HG3  7 
ATOM 872 H HD2  . ARG A 1 8 ? -4.382  -1.585 1.118   1.00 0.00 ? 8 ARG A HD2  7 
ATOM 873 H HD3  . ARG A 1 8 ? -5.548  -2.713 0.443   1.00 0.00 ? 8 ARG A HD3  7 
ATOM 874 H HE   . ARG A 1 8 ? -3.771  -4.098 -0.443  1.00 0.00 ? 8 ARG A HE   7 
ATOM 875 H HH11 . ARG A 1 8 ? -2.384  -1.076 0.799   1.00 0.00 ? 8 ARG A HH11 7 
ATOM 876 H HH12 . ARG A 1 8 ? -0.690  -1.742 0.582   1.00 0.00 ? 8 ARG A HH12 7 
ATOM 877 H HH21 . ARG A 1 8 ? -1.795  -4.761 -0.641  1.00 0.00 ? 8 ARG A HH21 7 
ATOM 878 H HH22 . ARG A 1 8 ? -0.384  -3.686 -0.168  1.00 0.00 ? 8 ARG A HH22 7 
ATOM 879 N N    . ALA A 1 9 ? -8.173  2.091  -2.727  1.00 0.00 ? 9 ALA A N    7 
ATOM 880 C CA   . ALA A 1 9 ? -9.348  2.989  -2.610  1.00 0.00 ? 9 ALA A CA   7 
ATOM 881 C C    . ALA A 1 9 ? -10.281 2.752  -3.816  1.00 0.00 ? 9 ALA A C    7 
ATOM 882 O O    . ALA A 1 9 ? -11.416 2.271  -3.604  1.00 0.00 ? 9 ALA A O    7 
ATOM 883 C CB   . ALA A 1 9 ? -8.918  4.470  -2.519  1.00 0.00 ? 9 ALA A CB   7 
ATOM 884 O OXT  . ALA A 1 9 ? -9.893  3.040  -4.972  1.00 0.00 ? 9 ALA A OXT  7 
ATOM 885 H H    . ALA A 1 9 ? -7.814  1.800  -3.643  1.00 0.00 ? 9 ALA A H    7 
ATOM 886 H HA   . ALA A 1 9 ? -9.911  2.740  -1.688  1.00 0.00 ? 9 ALA A HA   7 
ATOM 887 H HB1  . ALA A 1 9 ? -8.335  4.793  -3.403  1.00 0.00 ? 9 ALA A HB1  7 
ATOM 888 H HB2  . ALA A 1 9 ? -9.790  5.145  -2.436  1.00 0.00 ? 9 ALA A HB2  7 
ATOM 889 H HB3  . ALA A 1 9 ? -8.288  4.657  -1.629  1.00 0.00 ? 9 ALA A HB3  7 
# 
